data_3LU6
#
_entry.id   3LU6
#
_cell.length_a   58.561
_cell.length_b   59.868
_cell.length_c   95.573
_cell.angle_alpha   74.51
_cell.angle_beta   86.57
_cell.angle_gamma   74.47
#
_symmetry.space_group_name_H-M   'P 1'
#
loop_
_entity.id
_entity.type
_entity.pdbx_description
1 polymer 'Serum albumin'
2 non-polymer '[(1R,2R)-2-{[(5-fluoro-1H-indol-2-yl)carbonyl]amino}-2,3-dihydro-1H-inden-1-yl]acetic acid'
3 water water
#
_entity_poly.entity_id   1
_entity_poly.type   'polypeptide(L)'
_entity_poly.pdbx_seq_one_letter_code
;DAHKSEVAHRFKDLGEENFKALVLIAFAQYLQQCPFEDHVKLVNEVTEFAKTCVADESAENCDKSLHTLFGDKLCTVATL
RETYGEMADCCAKQEPERNECFLQHKDDNPNLPRLVRPEVDVMCTAFHDNEETFLKKYLYEIARRHPYFYAPELLFFAKR
YKAAFTECCQAADKAACLLPKLDELRDEGKASSAKQRLKCASLQKFGERAFKAWAVARLSQRFPKAEFAEVSKLVTDLTK
VHTECCHGDLLECADDRADLAKYICENQDSISSKLKECCEKPLLEKSHCIAEVENDEMPADLPSLAADFVESKDVCKNYA
EAKDVFLGMFLYEYARRHPDYSVVLLLRLAKTYETTLEKCCAAADPHECYAKVFDEFKPLVEEPQNLIKQNCELFEQLGE
YKFQNALLVRYTKKVPQVSTPTLVEVSRNLGKVGSKCCKHPEAKRMPCAEDYLSVVLNQLCVLHEKTPVSDRVTKCCTES
LVNRRPCFSALEVDETYVPKEFNAETFTFHADICTLSEKERQIKKQTALVELVKHKPKATKEQLKAVMDDFAAFVEKCCK
ADDKETCFAEEGKKLVAASQAALGL
;
_entity_poly.pdbx_strand_id   A,B
#
loop_
_chem_comp.id
_chem_comp.type
_chem_comp.name
_chem_comp.formula
IMX non-polymer '[(1R,2R)-2-{[(5-fluoro-1H-indol-2-yl)carbonyl]amino}-2,3-dihydro-1H-inden-1-yl]acetic acid' 'C20 H17 F N2 O3'
#
# COMPACT_ATOMS: atom_id res chain seq x y z
N SER A 5 6.92 -17.10 -6.12
CA SER A 5 7.75 -15.87 -6.21
C SER A 5 7.43 -15.04 -7.45
N GLU A 6 6.76 -13.90 -7.26
CA GLU A 6 6.35 -13.09 -8.40
C GLU A 6 7.55 -12.49 -9.15
N VAL A 7 8.57 -12.06 -8.43
CA VAL A 7 9.73 -11.48 -9.11
C VAL A 7 10.32 -12.45 -10.14
N ALA A 8 10.43 -13.73 -9.81
CA ALA A 8 10.89 -14.73 -10.77
C ALA A 8 9.84 -15.01 -11.85
N HIS A 9 8.57 -15.02 -11.46
CA HIS A 9 7.50 -15.24 -12.41
C HIS A 9 7.46 -14.12 -13.48
N ARG A 10 7.87 -12.92 -13.12
CA ARG A 10 7.92 -11.83 -14.08
C ARG A 10 9.16 -11.95 -14.94
N PHE A 11 10.32 -12.06 -14.29
CA PHE A 11 11.63 -12.23 -14.98
C PHE A 11 11.56 -13.24 -16.11
N LYS A 12 11.00 -14.41 -15.84
CA LYS A 12 11.03 -15.51 -16.80
C LYS A 12 10.06 -15.24 -17.91
N ASP A 13 9.02 -14.48 -17.59
CA ASP A 13 7.92 -14.23 -18.52
C ASP A 13 8.25 -13.17 -19.56
N LEU A 14 8.93 -12.12 -19.12
CA LEU A 14 9.32 -11.00 -19.98
C LEU A 14 10.75 -11.12 -20.50
N GLY A 15 11.61 -11.72 -19.68
CA GLY A 15 13.04 -11.83 -19.99
C GLY A 15 13.81 -10.70 -19.36
N GLU A 16 15.15 -10.76 -19.43
CA GLU A 16 16.05 -9.87 -18.68
C GLU A 16 16.09 -8.42 -19.21
N GLU A 17 16.12 -8.28 -20.53
CA GLU A 17 16.16 -6.96 -21.15
C GLU A 17 14.96 -6.10 -20.77
N ASN A 18 13.77 -6.64 -21.00
CA ASN A 18 12.53 -5.91 -20.76
C ASN A 18 12.32 -5.76 -19.25
N PHE A 19 12.56 -6.85 -18.51
CA PHE A 19 12.59 -6.79 -17.05
C PHE A 19 13.46 -5.63 -16.59
N LYS A 20 14.71 -5.60 -17.04
CA LYS A 20 15.64 -4.50 -16.73
C LYS A 20 15.12 -3.11 -17.15
N ALA A 21 14.45 -3.04 -18.30
CA ALA A 21 13.98 -1.74 -18.83
C ALA A 21 12.68 -1.30 -18.15
N LEU A 22 11.80 -2.26 -17.87
CA LEU A 22 10.58 -1.98 -17.11
C LEU A 22 10.90 -1.58 -15.67
N VAL A 23 11.87 -2.25 -15.07
CA VAL A 23 12.35 -1.81 -13.76
C VAL A 23 12.82 -0.34 -13.85
N LEU A 24 13.88 -0.05 -14.62
CA LEU A 24 14.41 1.34 -14.78
C LEU A 24 13.36 2.42 -15.02
N ILE A 25 12.30 2.05 -15.73
CA ILE A 25 11.15 2.92 -15.89
C ILE A 25 10.41 3.06 -14.55
N ALA A 26 10.14 1.93 -13.90
CA ALA A 26 9.51 1.93 -12.59
C ALA A 26 10.16 2.93 -11.66
N PHE A 27 11.48 2.86 -11.54
CA PHE A 27 12.21 3.77 -10.66
C PHE A 27 12.21 5.18 -11.22
N ALA A 28 12.65 5.33 -12.47
CA ALA A 28 12.72 6.65 -13.09
C ALA A 28 11.46 7.42 -12.78
N GLN A 29 10.31 6.73 -12.90
CA GLN A 29 8.97 7.32 -12.74
C GLN A 29 8.58 7.62 -11.27
N TYR A 30 9.33 7.04 -10.32
CA TYR A 30 9.00 7.09 -8.89
C TYR A 30 9.83 8.09 -8.11
N LEU A 31 11.11 8.18 -8.42
CA LEU A 31 12.00 9.19 -7.87
C LEU A 31 12.60 9.95 -9.02
N GLN A 32 11.89 10.98 -9.44
CA GLN A 32 12.13 11.62 -10.72
C GLN A 32 13.33 12.54 -10.72
N GLN A 33 13.68 13.14 -9.59
CA GLN A 33 14.88 13.98 -9.50
C GLN A 33 16.17 13.17 -9.41
N CYS A 34 16.04 11.87 -9.19
CA CYS A 34 17.20 10.98 -9.03
C CYS A 34 18.04 10.79 -10.31
N PRO A 35 19.39 10.89 -10.21
CA PRO A 35 20.28 10.79 -11.39
C PRO A 35 20.35 9.41 -12.06
N PHE A 36 20.44 9.41 -13.39
CA PHE A 36 20.54 8.19 -14.20
C PHE A 36 21.45 7.15 -13.57
N GLU A 37 22.64 7.61 -13.18
CA GLU A 37 23.67 6.72 -12.66
C GLU A 37 23.11 5.90 -11.50
N ASP A 38 22.44 6.60 -10.58
CA ASP A 38 21.92 5.97 -9.37
C ASP A 38 20.91 4.89 -9.70
N HIS A 39 19.97 5.20 -10.59
CA HIS A 39 18.92 4.25 -10.91
C HIS A 39 19.52 3.01 -11.52
N VAL A 40 20.38 3.18 -12.51
CA VAL A 40 20.99 2.02 -13.16
C VAL A 40 21.69 1.15 -12.12
N LYS A 41 22.36 1.79 -11.17
CA LYS A 41 22.91 1.11 -9.99
C LYS A 41 21.84 0.27 -9.29
N LEU A 42 20.70 0.88 -8.99
CA LEU A 42 19.63 0.18 -8.30
C LEU A 42 19.07 -0.97 -9.14
N VAL A 43 18.91 -0.73 -10.43
CA VAL A 43 18.29 -1.67 -11.37
C VAL A 43 19.08 -2.98 -11.52
N ASN A 44 20.40 -2.90 -11.47
CA ASN A 44 21.24 -4.08 -11.62
C ASN A 44 21.26 -4.92 -10.33
N GLU A 45 21.14 -4.25 -9.18
CA GLU A 45 20.95 -4.92 -7.89
C GLU A 45 19.67 -5.76 -7.93
N VAL A 46 18.58 -5.11 -8.30
CA VAL A 46 17.33 -5.83 -8.45
C VAL A 46 17.54 -7.00 -9.43
N THR A 47 18.26 -6.71 -10.52
CA THR A 47 18.57 -7.71 -11.51
C THR A 47 19.35 -8.83 -10.84
N GLU A 48 20.44 -8.47 -10.15
CA GLU A 48 21.24 -9.45 -9.45
C GLU A 48 20.27 -10.37 -8.69
N PHE A 49 19.41 -9.75 -7.90
CA PHE A 49 18.46 -10.48 -7.03
C PHE A 49 17.51 -11.46 -7.73
N ALA A 50 17.00 -11.03 -8.88
CA ALA A 50 15.98 -11.79 -9.61
C ALA A 50 16.52 -13.12 -10.01
N LYS A 51 17.76 -13.11 -10.47
CA LYS A 51 18.39 -14.28 -11.04
C LYS A 51 18.47 -15.35 -9.99
N THR A 52 18.94 -14.98 -8.80
CA THR A 52 18.92 -15.90 -7.67
C THR A 52 17.55 -16.53 -7.55
N CYS A 53 16.50 -15.71 -7.46
CA CYS A 53 15.14 -16.24 -7.27
C CYS A 53 14.76 -17.25 -8.35
N VAL A 54 15.01 -16.89 -9.60
CA VAL A 54 14.89 -17.79 -10.74
C VAL A 54 15.67 -19.07 -10.45
N ALA A 55 16.89 -18.91 -9.95
CA ALA A 55 17.75 -20.02 -9.62
C ALA A 55 17.27 -20.80 -8.38
N ASP A 56 16.69 -20.09 -7.40
CA ASP A 56 16.15 -20.69 -6.17
C ASP A 56 15.03 -19.82 -5.59
N GLU A 57 13.78 -20.13 -5.93
CA GLU A 57 12.63 -19.33 -5.51
C GLU A 57 12.32 -19.41 -4.00
N SER A 58 12.89 -20.41 -3.34
CA SER A 58 12.83 -20.55 -1.87
C SER A 58 13.74 -19.55 -1.14
N ALA A 59 14.73 -19.01 -1.85
CA ALA A 59 15.79 -18.17 -1.27
C ALA A 59 15.26 -16.98 -0.46
N GLU A 60 16.13 -16.45 0.40
CA GLU A 60 15.75 -15.61 1.55
C GLU A 60 14.56 -14.65 1.30
N ASN A 61 14.60 -13.89 0.21
CA ASN A 61 13.69 -12.74 0.01
C ASN A 61 12.79 -12.75 -1.21
N CYS A 62 12.64 -13.92 -1.82
CA CYS A 62 11.99 -14.07 -3.13
C CYS A 62 10.47 -14.19 -3.06
N ASP A 63 9.91 -14.09 -1.86
CA ASP A 63 8.46 -14.21 -1.64
C ASP A 63 7.80 -12.86 -1.44
N LYS A 64 8.59 -11.82 -1.25
CA LYS A 64 8.06 -10.47 -0.99
C LYS A 64 7.29 -9.95 -2.21
N SER A 65 6.55 -8.87 -2.02
CA SER A 65 5.83 -8.26 -3.14
C SER A 65 6.81 -7.39 -3.96
N LEU A 66 6.54 -7.30 -5.25
CA LEU A 66 7.32 -6.47 -6.15
C LEU A 66 7.37 -5.05 -5.65
N HIS A 67 6.25 -4.51 -5.18
CA HIS A 67 6.30 -3.19 -4.59
C HIS A 67 7.35 -3.25 -3.49
N THR A 68 7.17 -4.15 -2.52
CA THR A 68 8.07 -4.28 -1.39
C THR A 68 9.51 -4.21 -1.88
N LEU A 69 9.90 -5.17 -2.71
CA LEU A 69 11.24 -5.21 -3.26
C LEU A 69 11.67 -3.87 -3.92
N PHE A 70 10.83 -3.34 -4.80
CA PHE A 70 11.16 -2.10 -5.50
C PHE A 70 11.14 -0.88 -4.56
N GLY A 71 10.21 -0.90 -3.60
CA GLY A 71 10.10 0.14 -2.58
C GLY A 71 11.30 0.26 -1.65
N ASP A 72 11.75 -0.86 -1.08
CA ASP A 72 12.98 -0.88 -0.25
C ASP A 72 14.18 -0.36 -1.05
N LYS A 73 14.31 -0.84 -2.28
CA LYS A 73 15.44 -0.47 -3.13
C LYS A 73 15.40 1.01 -3.45
N LEU A 74 14.25 1.49 -3.91
CA LEU A 74 14.10 2.90 -4.20
C LEU A 74 14.50 3.75 -3.00
N CYS A 75 13.93 3.42 -1.84
CA CYS A 75 14.14 4.25 -0.66
C CYS A 75 15.55 4.26 -0.13
N THR A 76 16.45 3.45 -0.71
CA THR A 76 17.89 3.53 -0.40
C THR A 76 18.50 4.88 -0.76
N VAL A 77 17.97 5.48 -1.83
CA VAL A 77 18.42 6.76 -2.36
C VAL A 77 17.50 7.89 -1.92
N ALA A 78 16.20 7.62 -1.95
CA ALA A 78 15.18 8.61 -1.57
C ALA A 78 15.28 9.07 -0.11
N THR A 79 15.83 8.23 0.76
CA THR A 79 15.86 8.50 2.20
C THR A 79 16.41 9.90 2.54
N LEU A 80 17.44 10.35 1.81
CA LEU A 80 17.99 11.68 2.05
C LEU A 80 16.94 12.74 1.76
N ARG A 81 16.74 13.64 2.73
CA ARG A 81 15.79 14.76 2.60
C ARG A 81 16.48 16.13 2.46
N GLU A 82 17.81 16.14 2.36
CA GLU A 82 18.54 17.33 1.90
C GLU A 82 18.62 17.35 0.36
N THR A 83 18.42 16.18 -0.24
CA THR A 83 18.37 16.03 -1.71
C THR A 83 16.93 15.97 -2.19
N TYR A 84 16.17 15.03 -1.62
CA TYR A 84 14.78 14.83 -2.00
C TYR A 84 13.90 15.67 -1.07
N GLY A 85 13.44 15.12 0.05
CA GLY A 85 12.70 15.90 1.04
C GLY A 85 11.27 15.43 1.28
N GLU A 86 10.55 15.17 0.19
CA GLU A 86 9.12 14.87 0.25
C GLU A 86 8.80 13.39 -0.01
N MET A 87 9.67 12.69 -0.73
CA MET A 87 9.51 11.24 -0.99
C MET A 87 9.96 10.39 0.20
N ALA A 88 10.89 10.91 1.01
CA ALA A 88 11.34 10.22 2.23
C ALA A 88 10.20 9.97 3.24
N ASP A 89 9.09 10.70 3.08
CA ASP A 89 7.85 10.38 3.79
C ASP A 89 7.37 8.98 3.41
N CYS A 90 7.31 8.72 2.11
CA CYS A 90 6.89 7.40 1.60
C CYS A 90 7.79 6.27 2.12
N CYS A 91 9.02 6.61 2.47
CA CYS A 91 9.98 5.62 2.93
C CYS A 91 9.60 5.03 4.28
N ALA A 92 9.34 5.93 5.23
CA ALA A 92 8.91 5.53 6.58
C ALA A 92 7.56 4.81 6.59
N LYS A 93 6.83 4.90 5.49
CA LYS A 93 5.59 4.17 5.31
C LYS A 93 5.91 2.78 4.80
N GLN A 94 5.12 1.81 5.23
CA GLN A 94 5.22 0.45 4.70
C GLN A 94 4.10 0.24 3.68
N GLU A 95 4.13 -0.91 3.00
CA GLU A 95 3.12 -1.24 2.00
C GLU A 95 1.81 -1.60 2.67
N PRO A 96 0.66 -1.29 2.04
CA PRO A 96 0.45 -0.71 0.72
C PRO A 96 0.45 0.83 0.70
N GLU A 97 0.63 1.45 1.86
CA GLU A 97 0.66 2.93 1.98
C GLU A 97 1.89 3.56 1.28
N ARG A 98 3.03 2.92 1.38
CA ARG A 98 4.24 3.40 0.69
C ARG A 98 4.05 3.56 -0.81
N ASN A 99 3.27 2.66 -1.43
CA ASN A 99 3.05 2.71 -2.87
C ASN A 99 2.05 3.80 -3.23
N GLU A 100 0.98 3.91 -2.44
CA GLU A 100 0.02 5.01 -2.56
C GLU A 100 0.77 6.34 -2.59
N CYS A 101 1.77 6.44 -1.71
CA CYS A 101 2.53 7.69 -1.53
C CYS A 101 3.37 8.08 -2.76
N PHE A 102 4.22 7.16 -3.22
CA PHE A 102 5.00 7.33 -4.47
C PHE A 102 4.11 7.74 -5.68
N LEU A 103 2.94 7.10 -5.79
CA LEU A 103 1.97 7.42 -6.85
C LEU A 103 1.35 8.81 -6.64
N GLN A 104 1.03 9.16 -5.40
CA GLN A 104 0.56 10.51 -5.09
C GLN A 104 1.62 11.51 -5.51
N HIS A 105 2.88 11.19 -5.22
CA HIS A 105 3.95 12.14 -5.42
C HIS A 105 4.46 12.26 -6.86
N LYS A 106 3.89 11.44 -7.76
CA LYS A 106 4.19 11.54 -9.20
C LYS A 106 3.85 12.90 -9.73
N ASP A 107 4.85 13.55 -10.31
CA ASP A 107 4.81 14.93 -10.66
C ASP A 107 4.70 15.05 -12.18
N ASP A 108 3.53 15.45 -12.66
CA ASP A 108 3.29 15.62 -14.10
C ASP A 108 4.10 16.73 -14.78
N ASN A 109 4.63 17.68 -14.00
CA ASN A 109 5.34 18.83 -14.54
C ASN A 109 6.58 19.12 -13.69
N PRO A 110 7.67 18.38 -13.97
CA PRO A 110 8.80 18.35 -13.08
C PRO A 110 9.86 19.36 -13.46
N ASN A 111 10.22 20.22 -12.50
CA ASN A 111 11.24 21.27 -12.70
C ASN A 111 12.61 20.67 -13.12
N LEU A 112 12.68 20.23 -14.38
CA LEU A 112 13.84 19.51 -14.91
C LEU A 112 14.45 20.22 -16.11
N PRO A 113 15.79 20.19 -16.22
CA PRO A 113 16.48 20.78 -17.36
C PRO A 113 16.27 19.94 -18.62
N ARG A 114 16.26 20.59 -19.77
CA ARG A 114 16.11 19.87 -21.03
C ARG A 114 17.48 19.45 -21.55
N LEU A 115 17.56 18.26 -22.11
CA LEU A 115 18.82 17.74 -22.62
C LEU A 115 19.11 18.43 -23.95
N VAL A 116 19.76 19.58 -23.86
CA VAL A 116 20.34 20.20 -25.04
C VAL A 116 21.02 19.08 -25.85
N ARG A 117 20.41 18.71 -26.97
CA ARG A 117 20.87 17.54 -27.74
C ARG A 117 22.09 17.89 -28.59
N PRO A 118 23.17 17.12 -28.46
CA PRO A 118 24.42 17.42 -29.17
C PRO A 118 24.37 16.99 -30.62
N GLU A 119 25.33 17.48 -31.41
CA GLU A 119 25.39 17.22 -32.83
C GLU A 119 25.29 15.73 -33.16
N VAL A 120 24.93 15.46 -34.40
CA VAL A 120 24.54 14.13 -34.85
C VAL A 120 25.67 13.10 -34.79
N ASP A 121 26.92 13.54 -34.98
CA ASP A 121 28.05 12.61 -35.01
C ASP A 121 28.43 12.15 -33.59
N VAL A 122 28.24 13.03 -32.61
CA VAL A 122 28.55 12.72 -31.21
C VAL A 122 27.55 11.70 -30.67
N MET A 123 26.27 11.93 -30.94
CA MET A 123 25.25 10.95 -30.63
C MET A 123 25.64 9.60 -31.24
N CYS A 124 25.96 9.62 -32.54
CA CYS A 124 26.43 8.43 -33.25
C CYS A 124 27.65 7.80 -32.64
N THR A 125 28.58 8.65 -32.22
CA THR A 125 29.80 8.18 -31.57
C THR A 125 29.42 7.51 -30.22
N ALA A 126 28.66 8.23 -29.39
CA ALA A 126 28.14 7.68 -28.15
C ALA A 126 27.37 6.37 -28.37
N PHE A 127 26.49 6.35 -29.36
CA PHE A 127 25.73 5.15 -29.74
C PHE A 127 26.62 3.93 -29.96
N HIS A 128 27.76 4.13 -30.61
CA HIS A 128 28.71 3.03 -30.87
C HIS A 128 29.62 2.80 -29.67
N ASP A 129 30.14 3.88 -29.10
CA ASP A 129 31.06 3.79 -27.95
C ASP A 129 30.46 3.05 -26.75
N ASN A 130 29.14 3.15 -26.61
CA ASN A 130 28.37 2.27 -25.73
C ASN A 130 26.89 2.52 -25.92
N GLU A 131 26.23 1.70 -26.74
CA GLU A 131 24.79 1.86 -26.95
C GLU A 131 23.99 1.42 -25.72
N GLU A 132 24.34 0.28 -25.12
CA GLU A 132 23.59 -0.22 -23.97
C GLU A 132 23.27 0.91 -22.97
N THR A 133 24.26 1.73 -22.62
CA THR A 133 24.00 2.94 -21.83
C THR A 133 23.13 3.92 -22.60
N PHE A 134 23.54 4.21 -23.85
CA PHE A 134 22.84 5.18 -24.71
C PHE A 134 21.35 4.94 -24.68
N LEU A 135 20.93 3.71 -24.97
CA LEU A 135 19.51 3.36 -24.97
C LEU A 135 18.88 3.40 -23.56
N LYS A 136 19.59 2.95 -22.53
CA LYS A 136 19.05 3.06 -21.18
C LYS A 136 18.67 4.52 -20.91
N LYS A 137 19.54 5.45 -21.30
CA LYS A 137 19.29 6.88 -21.09
C LYS A 137 18.02 7.43 -21.82
N TYR A 138 17.60 6.79 -22.91
CA TYR A 138 16.35 7.17 -23.59
C TYR A 138 15.11 6.78 -22.78
N LEU A 139 15.06 5.55 -22.27
CA LEU A 139 14.00 5.19 -21.33
C LEU A 139 13.99 6.14 -20.12
N TYR A 140 15.17 6.33 -19.54
CA TYR A 140 15.29 7.12 -18.32
C TYR A 140 14.74 8.53 -18.52
N GLU A 141 15.14 9.21 -19.58
CA GLU A 141 14.75 10.60 -19.79
C GLU A 141 13.27 10.79 -20.09
N ILE A 142 12.68 9.86 -20.85
CA ILE A 142 11.25 9.92 -21.14
C ILE A 142 10.43 9.56 -19.90
N ALA A 143 10.83 8.52 -19.17
CA ALA A 143 10.12 8.10 -17.96
C ALA A 143 10.07 9.22 -16.90
N ARG A 144 11.24 9.70 -16.49
CA ARG A 144 11.38 10.88 -15.65
C ARG A 144 10.34 11.94 -15.94
N ARG A 145 10.21 12.27 -17.21
CA ARG A 145 9.42 13.41 -17.61
C ARG A 145 7.97 13.04 -17.89
N HIS A 146 7.68 11.73 -17.91
CA HIS A 146 6.36 11.24 -18.22
C HIS A 146 5.98 10.09 -17.26
N PRO A 147 5.72 10.42 -15.98
CA PRO A 147 5.59 9.42 -14.92
C PRO A 147 4.37 8.48 -15.07
N TYR A 148 3.52 8.75 -16.08
CA TYR A 148 2.36 7.89 -16.46
C TYR A 148 2.47 7.27 -17.88
N PHE A 149 3.50 7.67 -18.62
CA PHE A 149 3.80 7.03 -19.92
C PHE A 149 3.57 5.50 -19.86
N TYR A 150 2.73 5.01 -20.75
CA TYR A 150 2.47 3.58 -20.89
C TYR A 150 3.80 2.87 -21.18
N ALA A 151 4.36 2.26 -20.13
CA ALA A 151 5.72 1.70 -20.17
C ALA A 151 5.91 0.67 -21.27
N PRO A 152 5.02 -0.32 -21.38
CA PRO A 152 5.23 -1.37 -22.40
C PRO A 152 5.30 -0.80 -23.82
N GLU A 153 4.63 0.33 -24.05
CA GLU A 153 4.80 1.11 -25.28
C GLU A 153 6.14 1.89 -25.29
N LEU A 154 6.56 2.38 -24.13
CA LEU A 154 7.83 3.11 -24.07
C LEU A 154 9.01 2.23 -24.50
N LEU A 155 8.88 0.92 -24.34
CA LEU A 155 9.86 -0.02 -24.91
C LEU A 155 9.73 -0.04 -26.44
N PHE A 156 8.51 -0.13 -26.94
CA PHE A 156 8.28 -0.17 -28.38
C PHE A 156 8.96 1.03 -29.04
N PHE A 157 8.87 2.19 -28.37
CA PHE A 157 9.56 3.42 -28.79
C PHE A 157 11.08 3.26 -28.83
N ALA A 158 11.62 2.71 -27.75
CA ALA A 158 13.07 2.54 -27.58
C ALA A 158 13.69 1.75 -28.72
N LYS A 159 13.06 0.64 -29.07
CA LYS A 159 13.50 -0.21 -30.17
C LYS A 159 13.59 0.62 -31.41
N ARG A 160 12.52 1.37 -31.68
CA ARG A 160 12.50 2.32 -32.81
C ARG A 160 13.57 3.40 -32.72
N TYR A 161 13.79 3.94 -31.52
CA TYR A 161 14.89 4.89 -31.29
C TYR A 161 16.25 4.25 -31.57
N LYS A 162 16.41 3.01 -31.17
CA LYS A 162 17.62 2.24 -31.45
C LYS A 162 17.83 2.09 -32.97
N ALA A 163 16.75 1.79 -33.67
CA ALA A 163 16.79 1.51 -35.10
C ALA A 163 17.18 2.76 -35.89
N ALA A 164 16.69 3.91 -35.45
CA ALA A 164 16.96 5.16 -36.15
C ALA A 164 18.46 5.39 -36.15
N PHE A 165 19.07 5.27 -34.98
CA PHE A 165 20.49 5.54 -34.81
C PHE A 165 21.37 4.57 -35.57
N THR A 166 20.94 3.33 -35.71
CA THR A 166 21.72 2.32 -36.42
C THR A 166 21.63 2.56 -37.91
N GLU A 167 20.47 3.02 -38.38
CA GLU A 167 20.32 3.36 -39.79
C GLU A 167 21.09 4.63 -40.11
N CYS A 168 20.75 5.69 -39.38
CA CYS A 168 21.17 7.05 -39.74
C CYS A 168 22.62 7.41 -39.50
N CYS A 169 23.32 6.66 -38.67
CA CYS A 169 24.73 6.94 -38.44
C CYS A 169 25.55 6.40 -39.60
N GLN A 170 25.17 5.21 -40.06
CA GLN A 170 25.81 4.58 -41.22
C GLN A 170 25.43 5.27 -42.55
N ALA A 171 24.38 6.09 -42.56
CA ALA A 171 23.95 6.76 -43.78
C ALA A 171 24.95 7.84 -44.17
N ALA A 172 25.04 8.14 -45.46
CA ALA A 172 25.96 9.19 -45.94
C ALA A 172 25.74 10.51 -45.20
N ASP A 173 24.58 11.12 -45.35
CA ASP A 173 24.22 12.27 -44.49
C ASP A 173 23.48 11.76 -43.25
N LYS A 174 24.18 11.84 -42.12
CA LYS A 174 23.70 11.31 -40.86
C LYS A 174 22.57 12.14 -40.24
N ALA A 175 22.55 13.44 -40.52
CA ALA A 175 21.61 14.37 -39.89
C ALA A 175 20.27 14.39 -40.57
N ALA A 176 20.26 14.38 -41.89
CA ALA A 176 19.03 14.45 -42.65
C ALA A 176 18.24 13.18 -42.47
N CYS A 177 18.92 12.09 -42.12
CA CYS A 177 18.26 10.84 -41.80
C CYS A 177 17.71 10.88 -40.38
N LEU A 178 18.59 11.17 -39.43
CA LEU A 178 18.28 11.00 -38.02
C LEU A 178 17.27 12.00 -37.48
N LEU A 179 17.44 13.27 -37.84
CA LEU A 179 16.64 14.32 -37.22
C LEU A 179 15.15 14.17 -37.47
N PRO A 180 14.76 13.85 -38.72
CA PRO A 180 13.33 13.64 -38.95
C PRO A 180 12.79 12.43 -38.22
N LYS A 181 13.51 11.31 -38.25
CA LYS A 181 13.09 10.14 -37.44
C LYS A 181 12.86 10.48 -35.98
N LEU A 182 13.82 11.19 -35.35
CA LEU A 182 13.71 11.58 -33.92
C LEU A 182 12.46 12.40 -33.64
N ASP A 183 12.30 13.47 -34.39
CA ASP A 183 11.15 14.34 -34.21
C ASP A 183 9.83 13.58 -34.40
N GLU A 184 9.81 12.61 -35.32
CA GLU A 184 8.63 11.74 -35.48
C GLU A 184 8.33 10.96 -34.21
N LEU A 185 9.38 10.46 -33.55
CA LEU A 185 9.21 9.74 -32.28
C LEU A 185 8.71 10.65 -31.17
N ARG A 186 9.37 11.79 -31.04
CA ARG A 186 8.99 12.77 -30.05
C ARG A 186 7.46 13.01 -30.11
N ASP A 187 6.97 13.48 -31.26
CA ASP A 187 5.53 13.74 -31.47
C ASP A 187 4.69 12.51 -31.11
N GLU A 188 5.05 11.37 -31.70
CA GLU A 188 4.34 10.12 -31.48
C GLU A 188 4.34 9.78 -29.97
N GLY A 189 5.37 10.23 -29.26
CA GLY A 189 5.48 10.08 -27.81
C GLY A 189 4.65 11.04 -26.97
N LYS A 190 4.54 12.30 -27.39
CA LYS A 190 3.72 13.29 -26.66
C LYS A 190 2.22 12.98 -26.74
N ALA A 191 1.78 12.53 -27.91
CA ALA A 191 0.41 12.05 -28.07
C ALA A 191 0.16 10.83 -27.17
N SER A 192 1.15 9.93 -27.07
CA SER A 192 1.00 8.70 -26.33
C SER A 192 0.90 8.98 -24.84
N SER A 193 1.86 9.73 -24.33
CA SER A 193 1.82 10.16 -22.94
C SER A 193 0.45 10.76 -22.66
N ALA A 194 0.05 11.76 -23.43
CA ALA A 194 -1.25 12.40 -23.22
C ALA A 194 -2.39 11.36 -23.18
N LYS A 195 -2.55 10.59 -24.26
CA LYS A 195 -3.59 9.56 -24.29
C LYS A 195 -3.56 8.64 -23.03
N GLN A 196 -2.36 8.29 -22.57
CA GLN A 196 -2.22 7.40 -21.40
C GLN A 196 -2.61 8.07 -20.07
N ARG A 197 -2.36 9.36 -19.97
CA ARG A 197 -2.71 10.15 -18.79
C ARG A 197 -4.23 10.19 -18.56
N LEU A 198 -4.97 10.34 -19.66
CA LEU A 198 -6.44 10.20 -19.66
C LEU A 198 -6.91 8.87 -19.08
N LYS A 199 -6.20 7.78 -19.37
CA LYS A 199 -6.65 6.47 -18.87
C LYS A 199 -6.42 6.42 -17.35
N CYS A 200 -5.25 6.85 -16.90
CA CYS A 200 -4.95 6.87 -15.48
C CYS A 200 -5.88 7.88 -14.78
N ALA A 201 -6.10 9.01 -15.43
CA ALA A 201 -7.04 9.97 -14.91
C ALA A 201 -8.35 9.25 -14.68
N SER A 202 -8.93 8.72 -15.75
CA SER A 202 -10.26 8.06 -15.66
C SER A 202 -10.29 7.02 -14.58
N LEU A 203 -9.27 6.18 -14.54
CA LEU A 203 -9.22 5.04 -13.64
C LEU A 203 -9.14 5.44 -12.17
N GLN A 204 -8.33 6.43 -11.86
CA GLN A 204 -8.02 6.75 -10.46
C GLN A 204 -8.93 7.78 -9.83
N LYS A 205 -9.78 8.45 -10.62
CA LYS A 205 -10.76 9.42 -10.10
C LYS A 205 -12.23 9.00 -10.33
N PHE A 206 -12.51 8.47 -11.51
CA PHE A 206 -13.87 8.10 -11.89
C PHE A 206 -14.12 6.58 -11.90
N GLY A 207 -13.18 5.81 -11.37
CA GLY A 207 -13.37 4.37 -11.24
C GLY A 207 -13.34 3.63 -12.57
N GLU A 208 -13.22 2.31 -12.49
CA GLU A 208 -12.97 1.48 -13.68
C GLU A 208 -14.19 1.42 -14.54
N ARG A 209 -15.35 1.31 -13.92
CA ARG A 209 -16.63 1.30 -14.63
C ARG A 209 -16.67 2.39 -15.69
N ALA A 210 -16.04 3.52 -15.41
CA ALA A 210 -15.90 4.62 -16.37
C ALA A 210 -14.85 4.33 -17.44
N PHE A 211 -13.71 3.79 -17.04
CA PHE A 211 -12.71 3.34 -17.99
C PHE A 211 -13.33 2.28 -18.87
N LYS A 212 -13.97 1.31 -18.21
CA LYS A 212 -14.71 0.20 -18.85
C LYS A 212 -15.70 0.68 -19.89
N ALA A 213 -16.44 1.73 -19.52
CA ALA A 213 -17.38 2.38 -20.41
C ALA A 213 -16.69 2.91 -21.66
N TRP A 214 -15.48 3.41 -21.49
CA TRP A 214 -14.74 4.05 -22.58
C TRP A 214 -14.18 3.01 -23.55
N ALA A 215 -13.60 1.96 -23.02
CA ALA A 215 -13.01 0.91 -23.85
C ALA A 215 -14.09 0.17 -24.66
N VAL A 216 -15.12 -0.33 -23.99
CA VAL A 216 -16.20 -1.07 -24.65
C VAL A 216 -16.74 -0.30 -25.85
N ALA A 217 -16.85 1.01 -25.71
CA ALA A 217 -17.34 1.84 -26.80
C ALA A 217 -16.29 1.85 -27.89
N ARG A 218 -15.05 1.92 -27.46
CA ARG A 218 -13.93 2.07 -28.38
C ARG A 218 -13.64 0.76 -29.14
N LEU A 219 -13.48 -0.33 -28.39
CA LEU A 219 -13.21 -1.65 -28.97
C LEU A 219 -14.33 -2.11 -29.89
N SER A 220 -15.57 -1.82 -29.50
CA SER A 220 -16.76 -2.15 -30.31
C SER A 220 -16.86 -1.30 -31.56
N GLN A 221 -16.36 -0.08 -31.50
CA GLN A 221 -16.29 0.73 -32.71
C GLN A 221 -15.34 0.02 -33.67
N ARG A 222 -14.21 -0.42 -33.14
CA ARG A 222 -13.20 -1.12 -33.91
C ARG A 222 -13.60 -2.54 -34.34
N PHE A 223 -14.20 -3.30 -33.42
CA PHE A 223 -14.51 -4.72 -33.63
C PHE A 223 -16.01 -5.00 -33.71
N PRO A 224 -16.73 -4.37 -34.64
CA PRO A 224 -18.18 -4.45 -34.61
C PRO A 224 -18.68 -5.88 -34.67
N LYS A 225 -18.10 -6.68 -35.57
CA LYS A 225 -18.56 -8.05 -35.80
C LYS A 225 -18.42 -8.96 -34.57
N ALA A 226 -17.53 -8.61 -33.66
CA ALA A 226 -17.38 -9.38 -32.43
C ALA A 226 -18.68 -9.34 -31.67
N GLU A 227 -18.93 -10.42 -30.93
CA GLU A 227 -20.10 -10.49 -30.04
C GLU A 227 -19.94 -9.44 -28.95
N PHE A 228 -20.94 -9.34 -28.08
CA PHE A 228 -20.83 -8.52 -26.88
C PHE A 228 -19.97 -9.19 -25.80
N ALA A 229 -20.20 -10.48 -25.55
CA ALA A 229 -19.44 -11.20 -24.53
C ALA A 229 -17.96 -11.21 -24.88
N GLU A 230 -17.65 -11.26 -26.17
CA GLU A 230 -16.25 -11.18 -26.63
C GLU A 230 -15.62 -9.78 -26.45
N VAL A 231 -16.45 -8.75 -26.39
CA VAL A 231 -15.94 -7.39 -26.20
C VAL A 231 -15.70 -7.12 -24.71
N SER A 232 -16.66 -7.53 -23.88
CA SER A 232 -16.54 -7.43 -22.42
C SER A 232 -15.28 -8.11 -21.90
N LYS A 233 -15.00 -9.30 -22.43
CA LYS A 233 -13.78 -10.05 -22.13
C LYS A 233 -12.55 -9.21 -22.40
N LEU A 234 -12.45 -8.69 -23.61
CA LEU A 234 -11.34 -7.81 -23.96
C LEU A 234 -11.32 -6.58 -23.07
N VAL A 235 -12.47 -5.96 -22.84
CA VAL A 235 -12.54 -4.78 -21.99
C VAL A 235 -11.98 -5.06 -20.59
N THR A 236 -12.49 -6.12 -19.96
CA THR A 236 -11.98 -6.51 -18.65
C THR A 236 -10.46 -6.64 -18.67
N ASP A 237 -9.93 -7.41 -19.62
CA ASP A 237 -8.48 -7.66 -19.71
C ASP A 237 -7.66 -6.38 -19.86
N LEU A 238 -8.12 -5.51 -20.76
CA LEU A 238 -7.56 -4.17 -20.94
C LEU A 238 -7.53 -3.41 -19.61
N THR A 239 -8.66 -3.39 -18.92
CA THR A 239 -8.80 -2.68 -17.64
C THR A 239 -7.74 -3.09 -16.60
N LYS A 240 -7.50 -4.40 -16.48
CA LYS A 240 -6.53 -4.96 -15.54
C LYS A 240 -5.12 -4.51 -15.94
N VAL A 241 -4.92 -4.39 -17.25
CA VAL A 241 -3.65 -3.92 -17.78
C VAL A 241 -3.46 -2.45 -17.41
N HIS A 242 -4.41 -1.59 -17.78
CA HIS A 242 -4.23 -0.17 -17.51
C HIS A 242 -4.23 0.13 -15.99
N THR A 243 -5.12 -0.52 -15.25
CA THR A 243 -5.09 -0.47 -13.77
C THR A 243 -3.65 -0.69 -13.27
N GLU A 244 -3.06 -1.76 -13.77
CA GLU A 244 -1.75 -2.19 -13.30
C GLU A 244 -0.63 -1.25 -13.68
N CYS A 245 -0.66 -0.78 -14.93
CA CYS A 245 0.28 0.23 -15.41
C CYS A 245 0.07 1.55 -14.68
N CYS A 246 -1.18 1.96 -14.48
CA CYS A 246 -1.51 3.21 -13.75
C CYS A 246 -1.37 3.13 -12.23
N HIS A 247 -1.04 1.94 -11.70
CA HIS A 247 -0.80 1.73 -10.26
C HIS A 247 0.67 1.46 -9.99
N GLY A 248 1.46 1.37 -11.05
CA GLY A 248 2.91 1.27 -10.96
C GLY A 248 3.36 -0.16 -11.03
N ASP A 249 2.42 -1.07 -11.24
CA ASP A 249 2.74 -2.50 -11.41
C ASP A 249 3.12 -2.73 -12.87
N LEU A 250 4.24 -2.15 -13.29
CA LEU A 250 4.59 -2.10 -14.72
C LEU A 250 4.98 -3.49 -15.28
N LEU A 251 5.56 -4.34 -14.42
CA LEU A 251 6.04 -5.65 -14.84
C LEU A 251 4.89 -6.58 -15.22
N GLU A 252 3.85 -6.61 -14.40
CA GLU A 252 2.68 -7.45 -14.72
C GLU A 252 1.80 -6.78 -15.77
N CYS A 253 1.95 -5.46 -15.91
CA CYS A 253 1.33 -4.70 -16.99
C CYS A 253 1.85 -5.30 -18.29
N ALA A 254 3.17 -5.31 -18.44
CA ALA A 254 3.80 -5.77 -19.68
C ALA A 254 3.42 -7.21 -19.99
N ASP A 255 3.38 -8.04 -18.95
CA ASP A 255 2.98 -9.43 -19.08
C ASP A 255 1.51 -9.60 -19.54
N ASP A 256 0.62 -8.85 -18.91
CA ASP A 256 -0.80 -8.96 -19.17
C ASP A 256 -1.15 -8.37 -20.51
N ARG A 257 -0.49 -7.28 -20.88
CA ARG A 257 -0.67 -6.72 -22.22
C ARG A 257 -0.24 -7.74 -23.25
N ALA A 258 0.93 -8.33 -23.03
CA ALA A 258 1.42 -9.45 -23.86
C ALA A 258 0.45 -10.63 -23.96
N ASP A 259 -0.23 -10.98 -22.86
CA ASP A 259 -1.16 -12.11 -22.92
C ASP A 259 -2.29 -11.79 -23.89
N LEU A 260 -2.84 -10.59 -23.72
CA LEU A 260 -3.97 -10.08 -24.51
C LEU A 260 -3.66 -10.03 -26.00
N ALA A 261 -2.47 -9.53 -26.31
CA ALA A 261 -1.97 -9.51 -27.67
C ALA A 261 -2.06 -10.93 -28.27
N LYS A 262 -1.47 -11.89 -27.57
CA LYS A 262 -1.54 -13.29 -27.96
C LYS A 262 -3.00 -13.75 -28.05
N TYR A 263 -3.82 -13.38 -27.08
CA TYR A 263 -5.23 -13.79 -27.08
C TYR A 263 -5.98 -13.30 -28.31
N ILE A 264 -5.87 -12.00 -28.55
CA ILE A 264 -6.43 -11.39 -29.74
C ILE A 264 -5.95 -12.13 -31.00
N CYS A 265 -4.65 -12.38 -31.07
CA CYS A 265 -4.06 -12.97 -32.27
C CYS A 265 -4.50 -14.40 -32.57
N GLU A 266 -4.94 -15.09 -31.53
CA GLU A 266 -5.38 -16.49 -31.64
C GLU A 266 -6.86 -16.63 -31.99
N ASN A 267 -7.66 -15.60 -31.74
CA ASN A 267 -9.09 -15.58 -32.10
C ASN A 267 -9.41 -14.47 -33.11
N GLN A 268 -8.41 -14.13 -33.93
CA GLN A 268 -8.52 -13.11 -34.97
C GLN A 268 -9.87 -13.14 -35.68
N ASP A 269 -10.24 -14.32 -36.17
CA ASP A 269 -11.51 -14.60 -36.87
C ASP A 269 -12.73 -14.11 -36.09
N SER A 270 -12.77 -14.43 -34.80
CA SER A 270 -13.88 -14.08 -33.90
C SER A 270 -13.91 -12.62 -33.45
N ILE A 271 -12.82 -11.89 -33.72
CA ILE A 271 -12.70 -10.50 -33.27
C ILE A 271 -12.70 -9.51 -34.44
N SER A 272 -12.01 -9.83 -35.52
CA SER A 272 -11.88 -8.89 -36.62
C SER A 272 -11.38 -9.53 -37.89
N SER A 273 -11.78 -8.95 -39.01
CA SER A 273 -11.26 -9.32 -40.32
C SER A 273 -9.95 -8.60 -40.64
N LYS A 274 -9.58 -7.62 -39.81
CA LYS A 274 -8.56 -6.62 -40.19
C LYS A 274 -7.23 -6.72 -39.41
N LEU A 275 -6.93 -7.88 -38.87
CA LEU A 275 -5.76 -8.03 -37.97
C LEU A 275 -4.66 -8.96 -38.51
N LYS A 276 -4.85 -9.45 -39.74
CA LYS A 276 -3.87 -10.34 -40.43
C LYS A 276 -2.39 -9.90 -40.26
N GLU A 277 -2.05 -8.75 -40.83
CA GLU A 277 -0.67 -8.24 -40.81
C GLU A 277 -0.24 -7.69 -39.45
N CYS A 278 -1.19 -7.40 -38.57
CA CYS A 278 -0.88 -6.96 -37.21
C CYS A 278 -0.28 -8.10 -36.38
N CYS A 279 -0.96 -9.25 -36.42
CA CYS A 279 -0.60 -10.39 -35.59
C CYS A 279 0.54 -11.26 -36.14
N GLU A 280 1.14 -10.83 -37.26
CA GLU A 280 2.35 -11.47 -37.78
C GLU A 280 3.63 -10.71 -37.39
N LYS A 281 3.47 -9.56 -36.73
CA LYS A 281 4.61 -8.78 -36.28
C LYS A 281 5.18 -9.35 -34.98
N PRO A 282 6.48 -9.12 -34.74
CA PRO A 282 7.19 -9.38 -33.46
C PRO A 282 6.61 -8.79 -32.16
N LEU A 283 7.13 -9.33 -31.05
CA LEU A 283 6.75 -8.98 -29.67
C LEU A 283 6.16 -7.58 -29.51
N LEU A 284 7.02 -6.56 -29.44
CA LEU A 284 6.61 -5.21 -29.05
C LEU A 284 5.67 -4.57 -30.06
N GLU A 285 6.08 -4.63 -31.34
CA GLU A 285 5.29 -4.07 -32.43
C GLU A 285 3.86 -4.59 -32.42
N LYS A 286 3.72 -5.90 -32.28
CA LYS A 286 2.41 -6.57 -32.27
C LYS A 286 1.29 -5.83 -31.51
N SER A 287 1.62 -5.25 -30.36
CA SER A 287 0.62 -4.57 -29.54
C SER A 287 0.34 -3.14 -30.03
N HIS A 288 1.39 -2.40 -30.37
CA HIS A 288 1.22 -1.05 -30.93
C HIS A 288 0.34 -1.13 -32.18
N CYS A 289 0.66 -2.08 -33.05
CA CYS A 289 -0.11 -2.33 -34.27
C CYS A 289 -1.60 -2.53 -33.97
N ILE A 290 -1.93 -3.66 -33.32
CA ILE A 290 -3.32 -4.02 -32.98
C ILE A 290 -4.09 -2.83 -32.44
N ALA A 291 -3.48 -2.15 -31.46
CA ALA A 291 -4.10 -1.00 -30.78
C ALA A 291 -4.63 0.06 -31.74
N GLU A 292 -3.90 0.28 -32.83
CA GLU A 292 -4.15 1.39 -33.75
C GLU A 292 -4.50 0.91 -35.16
N VAL A 293 -5.05 -0.30 -35.26
CA VAL A 293 -5.54 -0.86 -36.52
C VAL A 293 -6.80 -0.10 -36.97
N GLU A 294 -7.27 -0.33 -38.19
CA GLU A 294 -8.46 0.39 -38.69
C GLU A 294 -9.78 -0.27 -38.28
N ASN A 295 -10.87 0.51 -38.36
CA ASN A 295 -12.23 0.04 -38.07
C ASN A 295 -12.65 -1.06 -39.04
N ASP A 296 -13.26 -2.12 -38.51
CA ASP A 296 -13.74 -3.24 -39.33
C ASP A 296 -15.06 -2.84 -40.01
N GLU A 297 -15.44 -3.61 -41.02
CA GLU A 297 -16.71 -3.45 -41.72
C GLU A 297 -17.87 -3.84 -40.81
N MET A 298 -19.03 -3.29 -41.10
CA MET A 298 -20.20 -3.46 -40.24
C MET A 298 -20.97 -4.69 -40.72
N PRO A 299 -21.35 -5.60 -39.79
CA PRO A 299 -22.15 -6.77 -40.16
C PRO A 299 -23.38 -6.41 -40.98
N ALA A 300 -23.52 -7.04 -42.15
CA ALA A 300 -24.51 -6.68 -43.20
C ALA A 300 -25.66 -5.75 -42.76
N ASP A 301 -26.81 -6.31 -42.41
CA ASP A 301 -27.99 -5.51 -42.08
C ASP A 301 -28.34 -5.65 -40.61
N LEU A 302 -28.15 -4.56 -39.87
CA LEU A 302 -28.38 -4.58 -38.42
C LEU A 302 -29.78 -4.10 -38.08
N PRO A 303 -30.34 -4.64 -36.98
CA PRO A 303 -31.61 -4.17 -36.46
C PRO A 303 -31.51 -2.81 -35.76
N SER A 304 -32.63 -2.36 -35.21
CA SER A 304 -32.69 -1.08 -34.53
C SER A 304 -32.32 -1.20 -33.07
N LEU A 305 -31.85 -0.09 -32.52
CA LEU A 305 -31.59 0.04 -31.09
C LEU A 305 -32.89 -0.10 -30.31
N ALA A 306 -33.94 0.51 -30.84
CA ALA A 306 -35.22 0.61 -30.15
C ALA A 306 -35.68 -0.73 -29.58
N ALA A 307 -35.94 -1.70 -30.46
CA ALA A 307 -36.52 -2.99 -30.08
C ALA A 307 -36.08 -3.47 -28.69
N ASP A 308 -34.77 -3.64 -28.51
CA ASP A 308 -34.23 -4.13 -27.23
C ASP A 308 -34.26 -3.06 -26.14
N PHE A 309 -33.97 -1.83 -26.52
CA PHE A 309 -33.75 -0.72 -25.58
C PHE A 309 -34.97 0.21 -25.40
N VAL A 310 -36.08 -0.11 -26.06
CA VAL A 310 -37.27 0.77 -26.10
C VAL A 310 -38.55 -0.02 -26.26
N GLU A 311 -38.72 -0.63 -27.43
CA GLU A 311 -39.99 -1.25 -27.82
C GLU A 311 -40.27 -2.55 -27.08
N SER A 312 -39.23 -3.14 -26.48
CA SER A 312 -39.40 -4.35 -25.67
C SER A 312 -40.09 -4.02 -24.36
N LYS A 313 -40.67 -5.04 -23.76
CA LYS A 313 -41.48 -4.88 -22.55
C LYS A 313 -40.73 -5.34 -21.30
N ASP A 314 -39.43 -5.62 -21.42
CA ASP A 314 -38.64 -6.09 -20.28
C ASP A 314 -37.31 -5.33 -20.12
N VAL A 315 -37.37 -4.02 -20.23
CA VAL A 315 -36.21 -3.18 -19.90
C VAL A 315 -35.90 -3.32 -18.41
N CYS A 316 -36.83 -2.92 -17.55
CA CYS A 316 -36.60 -2.86 -16.11
C CYS A 316 -36.09 -4.20 -15.55
N LYS A 317 -36.61 -5.30 -16.07
CA LYS A 317 -36.15 -6.65 -15.69
C LYS A 317 -34.66 -6.85 -16.04
N ASN A 318 -34.32 -6.57 -17.30
CA ASN A 318 -32.93 -6.65 -17.79
C ASN A 318 -32.02 -5.60 -17.14
N TYR A 319 -32.59 -4.42 -16.89
CA TYR A 319 -31.91 -3.37 -16.14
C TYR A 319 -31.62 -3.85 -14.72
N ALA A 320 -32.67 -4.20 -14.00
CA ALA A 320 -32.59 -4.54 -12.57
C ALA A 320 -31.88 -5.86 -12.25
N GLU A 321 -31.66 -6.73 -13.23
CA GLU A 321 -30.83 -7.91 -12.98
C GLU A 321 -29.37 -7.48 -12.80
N ALA A 322 -28.91 -6.63 -13.71
CA ALA A 322 -27.56 -6.05 -13.68
C ALA A 322 -27.44 -4.88 -14.66
N LYS A 323 -27.65 -3.67 -14.16
CA LYS A 323 -27.67 -2.47 -15.01
C LYS A 323 -26.36 -2.23 -15.75
N ASP A 324 -25.25 -2.60 -15.12
CA ASP A 324 -23.94 -2.43 -15.73
C ASP A 324 -23.86 -3.20 -17.04
N VAL A 325 -24.06 -4.51 -16.99
CA VAL A 325 -24.01 -5.34 -18.20
C VAL A 325 -25.00 -4.84 -19.25
N PHE A 326 -26.20 -4.44 -18.82
CA PHE A 326 -27.21 -3.91 -19.73
C PHE A 326 -26.69 -2.65 -20.41
N LEU A 327 -26.28 -1.68 -19.60
CA LEU A 327 -25.69 -0.43 -20.11
C LEU A 327 -24.42 -0.67 -20.92
N GLY A 328 -23.70 -1.74 -20.58
CA GLY A 328 -22.58 -2.21 -21.39
C GLY A 328 -23.05 -2.70 -22.76
N MET A 329 -24.21 -3.35 -22.76
CA MET A 329 -24.82 -3.86 -23.99
C MET A 329 -25.27 -2.72 -24.90
N PHE A 330 -25.96 -1.74 -24.32
CA PHE A 330 -26.34 -0.50 -25.02
C PHE A 330 -25.13 0.20 -25.61
N LEU A 331 -24.09 0.32 -24.80
CA LEU A 331 -22.82 0.92 -25.19
C LEU A 331 -22.17 0.15 -26.35
N TYR A 332 -22.34 -1.17 -26.33
CA TYR A 332 -21.88 -2.06 -27.42
C TYR A 332 -22.71 -1.81 -28.69
N GLU A 333 -24.01 -2.00 -28.56
CA GLU A 333 -24.93 -1.97 -29.69
C GLU A 333 -24.96 -0.61 -30.38
N TYR A 334 -24.97 0.45 -29.59
CA TYR A 334 -25.01 1.81 -30.13
C TYR A 334 -23.71 2.11 -30.88
N ALA A 335 -22.59 1.68 -30.33
CA ALA A 335 -21.27 2.04 -30.85
C ALA A 335 -20.91 1.28 -32.14
N ARG A 336 -21.16 -0.03 -32.18
CA ARG A 336 -20.85 -0.83 -33.39
C ARG A 336 -21.55 -0.27 -34.64
N ARG A 337 -22.71 0.32 -34.45
CA ARG A 337 -23.48 1.00 -35.51
C ARG A 337 -22.96 2.39 -35.89
N HIS A 338 -22.08 2.97 -35.07
CA HIS A 338 -21.61 4.33 -35.29
C HIS A 338 -20.12 4.50 -35.04
N PRO A 339 -19.27 4.14 -36.01
CA PRO A 339 -17.84 4.53 -35.97
C PRO A 339 -17.58 6.04 -36.20
N ASP A 340 -18.56 6.74 -36.76
CA ASP A 340 -18.44 8.18 -37.02
C ASP A 340 -18.77 9.06 -35.81
N TYR A 341 -18.92 8.43 -34.64
CA TYR A 341 -19.33 9.13 -33.41
C TYR A 341 -18.13 9.28 -32.48
N SER A 342 -18.11 10.33 -31.67
CA SER A 342 -17.08 10.49 -30.65
C SER A 342 -17.45 9.60 -29.48
N VAL A 343 -16.44 9.20 -28.73
CA VAL A 343 -16.64 8.28 -27.63
C VAL A 343 -17.15 9.01 -26.40
N VAL A 344 -16.76 10.27 -26.22
CA VAL A 344 -17.30 11.10 -25.12
C VAL A 344 -18.80 11.36 -25.30
N LEU A 345 -19.21 11.64 -26.54
CA LEU A 345 -20.64 11.79 -26.84
C LEU A 345 -21.43 10.52 -26.46
N LEU A 346 -21.09 9.40 -27.08
CA LEU A 346 -21.72 8.13 -26.77
C LEU A 346 -21.87 7.92 -25.28
N LEU A 347 -20.82 8.19 -24.53
CA LEU A 347 -20.85 8.07 -23.05
C LEU A 347 -21.89 9.04 -22.47
N ARG A 348 -22.02 10.20 -23.12
CA ARG A 348 -23.03 11.20 -22.76
C ARG A 348 -24.45 10.73 -23.11
N LEU A 349 -24.59 10.06 -24.24
CA LEU A 349 -25.87 9.46 -24.66
C LEU A 349 -26.30 8.32 -23.71
N ALA A 350 -25.39 7.38 -23.50
CA ALA A 350 -25.61 6.25 -22.60
C ALA A 350 -25.97 6.65 -21.18
N LYS A 351 -25.50 7.82 -20.74
CA LYS A 351 -25.75 8.27 -19.37
C LYS A 351 -27.13 8.85 -19.28
N THR A 352 -27.57 9.53 -20.34
CA THR A 352 -28.95 9.98 -20.41
C THR A 352 -29.87 8.78 -20.23
N TYR A 353 -29.56 7.69 -20.92
CA TYR A 353 -30.29 6.42 -20.80
C TYR A 353 -30.33 5.91 -19.35
N GLU A 354 -29.17 5.81 -18.71
CA GLU A 354 -29.07 5.30 -17.33
C GLU A 354 -29.99 6.04 -16.39
N THR A 355 -29.88 7.36 -16.43
CA THR A 355 -30.72 8.23 -15.63
C THR A 355 -32.19 8.03 -15.99
N THR A 356 -32.51 8.05 -17.28
CA THR A 356 -33.89 7.93 -17.75
C THR A 356 -34.54 6.59 -17.34
N LEU A 357 -33.75 5.52 -17.28
CA LEU A 357 -34.28 4.20 -16.82
C LEU A 357 -34.58 4.20 -15.32
N GLU A 358 -33.95 5.10 -14.57
CA GLU A 358 -34.23 5.26 -13.13
C GLU A 358 -35.43 6.18 -12.88
N LYS A 359 -35.71 7.04 -13.85
CA LYS A 359 -36.89 7.93 -13.84
C LYS A 359 -38.15 7.17 -14.25
N CYS A 360 -38.01 6.30 -15.24
CA CYS A 360 -39.13 5.57 -15.82
C CYS A 360 -39.51 4.29 -15.05
N CYS A 361 -38.52 3.50 -14.64
CA CYS A 361 -38.78 2.31 -13.80
C CYS A 361 -39.50 2.74 -12.51
N ALA A 362 -39.06 3.86 -11.95
CA ALA A 362 -39.61 4.41 -10.70
C ALA A 362 -41.07 4.88 -10.80
N ALA A 363 -41.55 5.06 -12.03
CA ALA A 363 -42.96 5.40 -12.26
C ALA A 363 -43.82 4.14 -12.18
N ALA A 364 -45.13 4.35 -12.16
CA ALA A 364 -46.09 3.24 -12.26
C ALA A 364 -46.07 2.68 -13.67
N ASP A 365 -46.08 3.59 -14.65
CA ASP A 365 -45.91 3.23 -16.06
C ASP A 365 -44.46 3.43 -16.49
N PRO A 366 -43.83 2.36 -17.00
CA PRO A 366 -42.47 2.49 -17.54
C PRO A 366 -42.39 3.07 -18.96
N HIS A 367 -43.22 2.56 -19.86
CA HIS A 367 -43.00 2.74 -21.30
C HIS A 367 -43.07 4.19 -21.80
N GLU A 368 -44.15 4.89 -21.46
CA GLU A 368 -44.46 6.19 -22.09
C GLU A 368 -43.28 7.14 -22.16
N CYS A 369 -42.56 7.28 -21.04
CA CYS A 369 -41.46 8.25 -20.95
C CYS A 369 -40.23 7.79 -21.73
N TYR A 370 -39.83 6.53 -21.58
CA TYR A 370 -38.60 6.05 -22.25
C TYR A 370 -38.77 5.72 -23.74
N ALA A 371 -39.98 5.85 -24.26
CA ALA A 371 -40.19 5.82 -25.70
C ALA A 371 -39.58 7.07 -26.35
N LYS A 372 -39.50 8.14 -25.57
CA LYS A 372 -39.01 9.44 -26.06
C LYS A 372 -37.48 9.61 -25.95
N VAL A 373 -36.76 8.52 -25.69
CA VAL A 373 -35.31 8.57 -25.47
C VAL A 373 -34.55 9.21 -26.63
N PHE A 374 -34.82 8.74 -27.84
CA PHE A 374 -34.01 9.10 -29.01
C PHE A 374 -34.32 10.47 -29.62
N ASP A 375 -35.11 11.28 -28.91
CA ASP A 375 -35.16 12.73 -29.16
C ASP A 375 -34.14 13.43 -28.24
N GLU A 376 -34.07 12.99 -26.98
CA GLU A 376 -33.14 13.57 -25.99
C GLU A 376 -31.68 13.55 -26.43
N PHE A 377 -31.36 12.67 -27.38
CA PHE A 377 -30.02 12.61 -27.98
C PHE A 377 -29.76 13.74 -28.96
N LYS A 378 -30.74 14.06 -29.81
CA LYS A 378 -30.54 15.05 -30.88
C LYS A 378 -29.82 16.34 -30.44
N PRO A 379 -30.16 16.89 -29.26
CA PRO A 379 -29.48 18.09 -28.82
C PRO A 379 -28.07 17.83 -28.33
N LEU A 380 -27.88 16.73 -27.61
CA LEU A 380 -26.55 16.31 -27.14
C LEU A 380 -25.63 16.07 -28.31
N VAL A 381 -26.18 15.51 -29.37
CA VAL A 381 -25.45 15.21 -30.60
C VAL A 381 -25.14 16.50 -31.36
N GLU A 382 -26.10 17.43 -31.44
CA GLU A 382 -25.95 18.66 -32.23
C GLU A 382 -25.05 19.70 -31.56
N GLU A 383 -24.87 19.60 -30.25
CA GLU A 383 -24.03 20.57 -29.53
C GLU A 383 -22.57 20.48 -30.04
N PRO A 384 -21.93 19.29 -29.94
CA PRO A 384 -20.59 19.10 -30.51
C PRO A 384 -20.51 19.39 -32.01
N GLN A 385 -21.53 19.01 -32.76
CA GLN A 385 -21.56 19.29 -34.21
C GLN A 385 -21.38 20.77 -34.53
N ASN A 386 -22.11 21.62 -33.82
CA ASN A 386 -22.06 23.06 -34.08
C ASN A 386 -20.71 23.69 -33.71
N LEU A 387 -20.14 23.34 -32.56
CA LEU A 387 -18.88 23.96 -32.08
C LEU A 387 -17.67 23.76 -33.01
N ILE A 388 -17.59 22.58 -33.62
CA ILE A 388 -16.44 22.18 -34.44
C ILE A 388 -16.42 22.85 -35.81
N LYS A 389 -17.58 22.92 -36.44
CA LYS A 389 -17.73 23.57 -37.75
C LYS A 389 -17.69 25.09 -37.61
N GLN A 390 -17.84 25.59 -36.37
CA GLN A 390 -17.79 27.01 -36.04
C GLN A 390 -16.33 27.47 -35.91
N ASN A 391 -15.52 26.66 -35.22
CA ASN A 391 -14.10 26.95 -35.02
C ASN A 391 -13.25 26.72 -36.27
N CYS A 392 -13.70 25.87 -37.19
CA CYS A 392 -12.88 25.46 -38.35
C CYS A 392 -12.80 26.53 -39.44
N GLU A 393 -13.90 27.22 -39.70
CA GLU A 393 -13.87 28.41 -40.54
C GLU A 393 -12.95 29.41 -39.87
N LEU A 394 -13.12 29.56 -38.57
CA LEU A 394 -12.31 30.48 -37.77
C LEU A 394 -10.82 30.11 -37.73
N PHE A 395 -10.50 28.87 -38.09
CA PHE A 395 -9.10 28.41 -38.17
C PHE A 395 -8.47 28.67 -39.54
N GLU A 396 -9.04 28.10 -40.60
CA GLU A 396 -8.46 28.17 -41.95
C GLU A 396 -8.22 29.62 -42.41
N GLN A 397 -8.95 30.56 -41.81
CA GLN A 397 -8.66 31.98 -41.95
C GLN A 397 -7.29 32.32 -41.38
N LEU A 398 -7.13 31.97 -40.10
CA LEU A 398 -6.02 32.46 -39.28
C LEU A 398 -4.72 31.65 -39.43
N GLY A 399 -4.86 30.33 -39.53
CA GLY A 399 -3.69 29.44 -39.51
C GLY A 399 -3.40 28.97 -38.09
N GLU A 400 -2.68 27.86 -37.98
CA GLU A 400 -2.46 27.20 -36.68
C GLU A 400 -1.91 28.14 -35.61
N TYR A 401 -1.04 29.06 -36.02
CA TYR A 401 -0.44 30.00 -35.08
C TYR A 401 -1.45 31.05 -34.65
N LYS A 402 -1.92 31.86 -35.60
CA LYS A 402 -2.87 32.95 -35.30
C LYS A 402 -4.05 32.42 -34.49
N PHE A 403 -4.58 31.27 -34.93
CA PHE A 403 -5.69 30.58 -34.27
C PHE A 403 -5.38 30.07 -32.84
N GLN A 404 -4.10 29.88 -32.52
CA GLN A 404 -3.71 29.56 -31.14
C GLN A 404 -3.77 30.81 -30.23
N ASN A 405 -3.54 31.98 -30.83
CA ASN A 405 -3.64 33.25 -30.11
C ASN A 405 -5.08 33.65 -29.84
N ALA A 406 -5.96 33.24 -30.74
CA ALA A 406 -7.40 33.38 -30.53
C ALA A 406 -7.86 32.54 -29.34
N LEU A 407 -7.30 31.34 -29.19
CA LEU A 407 -7.56 30.51 -28.01
C LEU A 407 -6.93 31.11 -26.77
N LEU A 408 -5.63 31.37 -26.83
CA LEU A 408 -4.91 32.00 -25.74
C LEU A 408 -5.72 33.12 -25.11
N VAL A 409 -5.96 34.20 -25.84
CA VAL A 409 -6.79 35.30 -25.35
C VAL A 409 -8.09 34.85 -24.67
N ARG A 410 -8.76 33.86 -25.26
CA ARG A 410 -10.09 33.42 -24.82
C ARG A 410 -10.02 32.66 -23.51
N TYR A 411 -9.22 31.61 -23.49
CA TYR A 411 -9.05 30.82 -22.30
C TYR A 411 -8.40 31.65 -21.22
N THR A 412 -7.51 32.57 -21.61
CA THR A 412 -6.87 33.46 -20.65
C THR A 412 -7.95 34.23 -19.92
N LYS A 413 -8.75 34.95 -20.70
CA LYS A 413 -9.82 35.75 -20.13
C LYS A 413 -10.82 34.85 -19.42
N LYS A 414 -11.13 33.71 -20.02
CA LYS A 414 -12.00 32.74 -19.40
C LYS A 414 -11.51 32.38 -17.98
N VAL A 415 -10.28 31.88 -17.86
CA VAL A 415 -9.73 31.40 -16.58
C VAL A 415 -8.38 32.04 -16.20
N PRO A 416 -8.38 33.35 -15.87
CA PRO A 416 -7.11 34.07 -15.64
C PRO A 416 -6.31 33.68 -14.38
N GLN A 417 -6.90 32.92 -13.47
CA GLN A 417 -6.17 32.47 -12.28
C GLN A 417 -4.96 31.58 -12.65
N VAL A 418 -5.12 30.79 -13.71
CA VAL A 418 -4.15 29.74 -14.11
C VAL A 418 -2.78 30.28 -14.51
N SER A 419 -1.75 29.48 -14.27
CA SER A 419 -0.38 29.89 -14.58
C SER A 419 -0.17 30.01 -16.08
N THR A 420 0.51 31.06 -16.46
CA THR A 420 0.81 31.36 -17.86
C THR A 420 1.42 30.20 -18.64
N PRO A 421 2.43 29.51 -18.09
CA PRO A 421 2.94 28.33 -18.78
C PRO A 421 1.83 27.32 -19.11
N THR A 422 1.03 26.97 -18.11
CA THR A 422 -0.09 26.06 -18.32
C THR A 422 -0.98 26.57 -19.44
N LEU A 423 -1.41 27.83 -19.33
CA LEU A 423 -2.25 28.45 -20.36
C LEU A 423 -1.61 28.35 -21.73
N VAL A 424 -0.33 28.68 -21.80
CA VAL A 424 0.39 28.68 -23.08
C VAL A 424 0.46 27.29 -23.71
N GLU A 425 0.65 26.26 -22.88
CA GLU A 425 0.81 24.90 -23.36
C GLU A 425 -0.54 24.31 -23.77
N VAL A 426 -1.52 24.46 -22.91
CA VAL A 426 -2.84 23.89 -23.16
C VAL A 426 -3.50 24.50 -24.42
N SER A 427 -3.42 25.82 -24.53
CA SER A 427 -4.00 26.54 -25.66
C SER A 427 -3.22 26.26 -26.95
N ARG A 428 -1.93 26.03 -26.82
CA ARG A 428 -1.10 25.60 -27.95
C ARG A 428 -1.51 24.22 -28.46
N ASN A 429 -1.84 23.31 -27.55
CA ASN A 429 -2.36 21.99 -27.88
C ASN A 429 -3.85 22.00 -28.31
N LEU A 430 -4.63 22.89 -27.71
CA LEU A 430 -6.07 22.96 -28.00
C LEU A 430 -6.32 23.36 -29.44
N GLY A 431 -5.51 24.30 -29.94
CA GLY A 431 -5.63 24.78 -31.31
C GLY A 431 -4.97 23.91 -32.35
N LYS A 432 -4.18 22.94 -31.89
CA LYS A 432 -3.61 21.93 -32.79
C LYS A 432 -4.71 21.01 -33.32
N VAL A 433 -5.89 21.04 -32.70
CA VAL A 433 -7.05 20.32 -33.23
C VAL A 433 -7.38 20.79 -34.66
N GLY A 434 -7.27 22.10 -34.88
CA GLY A 434 -7.58 22.72 -36.16
C GLY A 434 -6.74 22.16 -37.29
N SER A 435 -5.54 21.72 -36.97
CA SER A 435 -4.66 21.09 -37.95
C SER A 435 -5.18 19.70 -38.33
N LYS A 436 -5.22 18.79 -37.36
CA LYS A 436 -5.52 17.37 -37.65
C LYS A 436 -7.00 17.08 -37.92
N CYS A 437 -7.90 17.93 -37.42
CA CYS A 437 -9.33 17.62 -37.49
C CYS A 437 -10.11 18.33 -38.61
N CYS A 438 -9.86 19.61 -38.84
CA CYS A 438 -10.54 20.35 -39.93
C CYS A 438 -10.09 19.85 -41.31
N LYS A 439 -8.88 19.28 -41.34
CA LYS A 439 -8.33 18.67 -42.56
C LYS A 439 -9.29 17.66 -43.20
N HIS A 440 -9.96 16.88 -42.35
CA HIS A 440 -10.95 15.88 -42.77
C HIS A 440 -12.23 16.53 -43.33
N PRO A 441 -13.15 15.71 -43.89
CA PRO A 441 -14.53 16.14 -44.13
C PRO A 441 -15.43 15.80 -42.94
N GLU A 442 -16.55 16.50 -42.82
CA GLU A 442 -17.44 16.39 -41.63
C GLU A 442 -17.63 14.96 -41.13
N ALA A 443 -17.74 14.02 -42.07
CA ALA A 443 -17.85 12.58 -41.78
C ALA A 443 -16.85 12.09 -40.72
N LYS A 444 -15.78 12.85 -40.52
CA LYS A 444 -14.79 12.58 -39.47
C LYS A 444 -14.35 13.82 -38.64
N ARG A 445 -14.92 14.99 -38.90
CA ARG A 445 -14.50 16.23 -38.20
C ARG A 445 -14.94 16.28 -36.74
N MET A 446 -16.22 16.55 -36.49
CA MET A 446 -16.72 16.73 -35.12
C MET A 446 -16.17 15.68 -34.16
N PRO A 447 -16.33 14.39 -34.50
CA PRO A 447 -15.74 13.39 -33.62
C PRO A 447 -14.26 13.67 -33.32
N CYS A 448 -13.46 13.84 -34.38
CA CYS A 448 -12.00 14.02 -34.28
C CYS A 448 -11.61 15.07 -33.23
N ALA A 449 -12.27 16.21 -33.28
CA ALA A 449 -12.00 17.34 -32.37
C ALA A 449 -12.41 17.02 -30.95
N GLU A 450 -13.68 16.65 -30.81
CA GLU A 450 -14.28 16.34 -29.52
C GLU A 450 -13.46 15.30 -28.72
N ASP A 451 -12.91 14.31 -29.40
CA ASP A 451 -12.10 13.27 -28.74
C ASP A 451 -10.68 13.77 -28.42
N TYR A 452 -10.11 14.56 -29.33
CA TYR A 452 -8.79 15.13 -29.11
C TYR A 452 -8.75 16.12 -27.94
N LEU A 453 -9.74 17.02 -27.88
CA LEU A 453 -9.89 17.94 -26.76
C LEU A 453 -10.11 17.22 -25.43
N SER A 454 -10.66 16.01 -25.47
CA SER A 454 -10.78 15.17 -24.27
C SER A 454 -9.40 14.90 -23.67
N VAL A 455 -8.42 14.63 -24.54
CA VAL A 455 -7.04 14.41 -24.11
C VAL A 455 -6.35 15.70 -23.70
N VAL A 456 -6.56 16.77 -24.46
CA VAL A 456 -5.91 18.06 -24.20
C VAL A 456 -6.46 18.76 -22.95
N LEU A 457 -7.72 18.49 -22.60
CA LEU A 457 -8.35 19.11 -21.43
C LEU A 457 -8.01 18.36 -20.14
N ASN A 458 -7.68 17.07 -20.28
CA ASN A 458 -7.19 16.31 -19.13
C ASN A 458 -5.84 16.87 -18.72
N GLN A 459 -4.96 17.06 -19.70
CA GLN A 459 -3.68 17.75 -19.50
C GLN A 459 -3.89 18.97 -18.60
N LEU A 460 -4.86 19.82 -18.95
CA LEU A 460 -5.17 21.00 -18.13
C LEU A 460 -5.52 20.59 -16.70
N CYS A 461 -6.43 19.64 -16.57
CA CYS A 461 -6.92 19.23 -15.26
C CYS A 461 -5.83 18.66 -14.34
N VAL A 462 -4.95 17.82 -14.88
CA VAL A 462 -3.88 17.24 -14.04
C VAL A 462 -2.79 18.28 -13.72
N LEU A 463 -2.58 19.23 -14.62
CA LEU A 463 -1.62 20.34 -14.36
C LEU A 463 -2.14 21.35 -13.35
N HIS A 464 -3.46 21.55 -13.37
CA HIS A 464 -4.10 22.42 -12.41
C HIS A 464 -4.23 21.75 -11.05
N GLU A 465 -4.48 20.43 -11.06
CA GLU A 465 -4.60 19.60 -9.85
C GLU A 465 -3.33 19.72 -9.01
N LYS A 466 -2.20 19.97 -9.67
CA LYS A 466 -0.91 20.12 -8.98
C LYS A 466 -1.03 21.24 -7.95
N THR A 467 -1.10 22.48 -8.43
CA THR A 467 -1.34 23.64 -7.58
C THR A 467 -2.64 24.31 -8.01
N PRO A 468 -3.73 24.05 -7.29
CA PRO A 468 -5.00 24.70 -7.59
C PRO A 468 -4.97 26.20 -7.37
N VAL A 469 -5.57 26.93 -8.30
CA VAL A 469 -5.59 28.41 -8.30
C VAL A 469 -6.98 28.94 -8.64
N SER A 470 -7.73 28.15 -9.41
CA SER A 470 -9.05 28.54 -9.87
C SER A 470 -10.09 27.74 -9.13
N ASP A 471 -11.31 28.23 -9.22
CA ASP A 471 -12.48 27.64 -8.57
C ASP A 471 -13.26 26.81 -9.60
N ARG A 472 -13.24 27.31 -10.83
CA ARG A 472 -14.05 26.83 -11.93
C ARG A 472 -13.35 25.70 -12.68
N VAL A 473 -12.03 25.79 -12.82
CA VAL A 473 -11.27 24.74 -13.49
C VAL A 473 -11.39 23.43 -12.69
N THR A 474 -11.12 23.52 -11.39
CA THR A 474 -11.29 22.40 -10.47
C THR A 474 -12.72 21.85 -10.46
N LYS A 475 -13.70 22.64 -10.93
CA LYS A 475 -15.09 22.16 -11.05
C LYS A 475 -15.29 21.32 -12.33
N CYS A 476 -14.99 21.92 -13.48
CA CYS A 476 -15.15 21.23 -14.76
C CYS A 476 -14.42 19.89 -14.76
N CYS A 477 -13.28 19.87 -14.10
CA CYS A 477 -12.46 18.66 -13.98
C CYS A 477 -13.08 17.55 -13.09
N THR A 478 -13.58 17.93 -11.92
CA THR A 478 -14.08 16.94 -10.97
C THR A 478 -15.55 16.56 -11.12
N GLU A 479 -16.33 17.38 -11.81
CA GLU A 479 -17.80 17.21 -11.84
C GLU A 479 -18.25 15.96 -12.61
N SER A 480 -17.64 15.70 -13.76
CA SER A 480 -18.05 14.61 -14.65
C SER A 480 -17.10 14.46 -15.83
N LEU A 481 -16.36 13.34 -15.87
CA LEU A 481 -15.24 13.17 -16.78
C LEU A 481 -15.57 13.43 -18.26
N VAL A 482 -16.75 13.01 -18.70
CA VAL A 482 -17.16 13.19 -20.11
C VAL A 482 -17.84 14.53 -20.40
N ASN A 483 -18.33 15.21 -19.36
CA ASN A 483 -19.00 16.52 -19.51
C ASN A 483 -18.02 17.69 -19.53
N ARG A 484 -16.75 17.43 -19.84
CA ARG A 484 -15.69 18.40 -19.58
C ARG A 484 -15.61 19.54 -20.61
N ARG A 485 -15.48 19.19 -21.88
CA ARG A 485 -15.30 20.20 -22.93
C ARG A 485 -16.54 21.11 -23.04
N PRO A 486 -17.76 20.55 -22.92
CA PRO A 486 -18.95 21.41 -22.80
C PRO A 486 -19.00 22.24 -21.51
N CYS A 487 -18.37 21.76 -20.43
CA CYS A 487 -18.27 22.53 -19.19
C CYS A 487 -17.32 23.71 -19.29
N PHE A 488 -16.18 23.52 -19.92
CA PHE A 488 -15.27 24.63 -20.18
C PHE A 488 -15.84 25.52 -21.29
N SER A 489 -16.68 24.92 -22.14
CA SER A 489 -17.44 25.66 -23.17
C SER A 489 -18.78 26.17 -22.66
N ALA A 490 -18.86 26.41 -21.35
CA ALA A 490 -19.98 27.15 -20.74
C ALA A 490 -19.51 28.11 -19.65
N LEU A 491 -18.20 28.34 -19.56
CA LEU A 491 -17.64 29.31 -18.64
C LEU A 491 -17.47 30.62 -19.39
N GLU A 492 -18.22 31.63 -18.98
CA GLU A 492 -18.13 32.93 -19.59
C GLU A 492 -16.92 33.63 -19.03
N VAL A 493 -16.49 34.71 -19.68
CA VAL A 493 -15.53 35.65 -19.10
C VAL A 493 -15.91 35.91 -17.64
N ASP A 494 -14.90 35.99 -16.77
CA ASP A 494 -15.13 36.16 -15.33
C ASP A 494 -15.10 37.64 -14.97
N GLU A 495 -15.85 37.99 -13.92
CA GLU A 495 -15.94 39.37 -13.46
C GLU A 495 -15.33 39.56 -12.07
N THR A 496 -14.74 38.47 -11.55
CA THR A 496 -14.24 38.42 -10.17
C THR A 496 -12.77 38.85 -10.10
N TYR A 497 -12.07 38.76 -11.23
CA TYR A 497 -10.61 38.78 -11.24
C TYR A 497 -9.99 40.15 -10.91
N VAL A 498 -9.00 40.12 -10.04
CA VAL A 498 -8.24 41.31 -9.63
C VAL A 498 -6.90 41.27 -10.37
N PRO A 499 -6.75 42.04 -11.46
CA PRO A 499 -5.57 41.85 -12.32
C PRO A 499 -4.30 42.52 -11.80
N LYS A 500 -3.16 41.89 -12.04
CA LYS A 500 -1.87 42.39 -11.58
C LYS A 500 -1.37 43.48 -12.52
N GLU A 501 -1.16 44.68 -11.97
CA GLU A 501 -1.09 45.91 -12.76
C GLU A 501 -0.04 45.94 -13.88
N PHE A 502 1.23 45.83 -13.53
CA PHE A 502 2.32 45.95 -14.51
C PHE A 502 3.56 45.16 -14.09
N ASN A 503 4.13 44.44 -15.05
CA ASN A 503 5.33 43.62 -14.84
C ASN A 503 6.28 43.84 -16.02
N ALA A 504 7.24 44.74 -15.83
CA ALA A 504 8.07 45.29 -16.94
C ALA A 504 9.04 44.31 -17.63
N GLU A 505 9.47 43.28 -16.92
CA GLU A 505 10.42 42.28 -17.46
C GLU A 505 9.75 41.21 -18.33
N THR A 506 8.43 41.11 -18.23
CA THR A 506 7.66 40.15 -19.02
C THR A 506 7.69 40.52 -20.51
N PHE A 507 7.72 41.81 -20.79
CA PHE A 507 7.54 42.30 -22.16
C PHE A 507 8.84 42.80 -22.78
N THR A 508 9.93 42.71 -22.03
CA THR A 508 11.25 43.11 -22.52
C THR A 508 12.09 41.86 -22.76
N PHE A 509 12.38 41.59 -24.03
CA PHE A 509 12.99 40.33 -24.45
C PHE A 509 14.51 40.35 -24.22
N HIS A 510 15.27 39.52 -24.92
CA HIS A 510 16.74 39.48 -24.75
C HIS A 510 17.45 38.92 -25.98
N ALA A 511 18.79 38.95 -25.94
CA ALA A 511 19.64 38.48 -27.05
C ALA A 511 19.82 36.96 -27.05
N ASP A 512 19.47 36.32 -25.94
CA ASP A 512 19.32 34.87 -25.89
C ASP A 512 18.19 34.38 -26.80
N ILE A 513 17.19 35.24 -26.99
CA ILE A 513 16.03 34.88 -27.80
C ILE A 513 16.39 34.76 -29.29
N CYS A 514 17.47 35.41 -29.72
CA CYS A 514 17.96 35.30 -31.11
C CYS A 514 18.93 34.13 -31.29
N THR A 515 18.71 33.04 -30.55
CA THR A 515 19.53 31.81 -30.71
C THR A 515 18.71 30.55 -30.45
N LEU A 516 17.39 30.63 -30.58
CA LEU A 516 16.49 29.54 -30.23
C LEU A 516 15.47 29.31 -31.34
N SER A 517 14.81 28.15 -31.28
CA SER A 517 13.94 27.69 -32.35
C SER A 517 12.72 28.57 -32.53
N GLU A 518 12.11 28.46 -33.70
CA GLU A 518 10.91 29.19 -34.02
C GLU A 518 9.78 28.82 -33.05
N LYS A 519 9.69 27.54 -32.72
CA LYS A 519 8.71 27.04 -31.74
C LYS A 519 8.90 27.73 -30.38
N GLU A 520 10.13 27.68 -29.87
CA GLU A 520 10.49 28.33 -28.62
C GLU A 520 10.24 29.85 -28.70
N ARG A 521 10.62 30.43 -29.84
CA ARG A 521 10.35 31.84 -30.12
C ARG A 521 8.85 32.12 -30.00
N GLN A 522 8.04 31.32 -30.69
CA GLN A 522 6.57 31.42 -30.60
C GLN A 522 6.06 31.33 -29.15
N ILE A 523 6.56 30.34 -28.44
CA ILE A 523 6.22 30.13 -27.03
C ILE A 523 6.57 31.35 -26.15
N LYS A 524 7.63 32.07 -26.51
CA LYS A 524 7.97 33.32 -25.83
C LYS A 524 6.97 34.39 -26.22
N LYS A 525 6.82 34.60 -27.52
CA LYS A 525 5.86 35.58 -28.03
C LYS A 525 4.54 35.41 -27.26
N GLN A 526 4.06 34.17 -27.19
CA GLN A 526 2.74 33.87 -26.64
C GLN A 526 2.66 34.02 -25.12
N THR A 527 3.76 33.75 -24.42
CA THR A 527 3.82 33.94 -22.97
C THR A 527 3.59 35.42 -22.66
N ALA A 528 4.33 36.28 -23.35
CA ALA A 528 4.13 37.72 -23.22
C ALA A 528 2.70 38.16 -23.54
N LEU A 529 2.09 37.54 -24.56
CA LEU A 529 0.70 37.85 -24.97
C LEU A 529 -0.30 37.56 -23.86
N VAL A 530 -0.18 36.35 -23.28
CA VAL A 530 -1.04 35.89 -22.18
C VAL A 530 -0.99 36.84 -21.02
N GLU A 531 0.24 37.24 -20.68
CA GLU A 531 0.47 38.08 -19.53
C GLU A 531 0.00 39.52 -19.79
N LEU A 532 -0.04 39.93 -21.06
CA LEU A 532 -0.65 41.23 -21.41
C LEU A 532 -2.16 41.16 -21.31
N VAL A 533 -2.74 40.03 -21.73
CA VAL A 533 -4.18 39.82 -21.57
C VAL A 533 -4.51 39.78 -20.07
N LYS A 534 -3.58 39.24 -19.29
CA LYS A 534 -3.70 39.20 -17.82
C LYS A 534 -3.67 40.59 -17.18
N HIS A 535 -3.28 41.61 -17.93
CA HIS A 535 -3.36 42.99 -17.44
C HIS A 535 -4.74 43.63 -17.65
N LYS A 536 -5.31 43.49 -18.85
CA LYS A 536 -6.71 43.92 -19.12
C LYS A 536 -7.56 42.82 -19.77
N PRO A 537 -8.35 42.09 -18.96
CA PRO A 537 -9.35 41.13 -19.43
C PRO A 537 -10.63 41.72 -20.03
N LYS A 538 -11.10 42.85 -19.50
CA LYS A 538 -12.34 43.46 -19.98
C LYS A 538 -12.15 44.06 -21.38
N ALA A 539 -12.50 45.34 -21.56
CA ALA A 539 -12.47 45.99 -22.87
C ALA A 539 -11.08 45.87 -23.51
N THR A 540 -10.99 45.01 -24.53
CA THR A 540 -9.71 44.76 -25.23
C THR A 540 -9.95 43.98 -26.54
N LYS A 541 -10.07 44.73 -27.63
CA LYS A 541 -10.49 44.19 -28.93
C LYS A 541 -9.35 43.41 -29.61
N GLU A 542 -9.31 43.43 -30.94
CA GLU A 542 -8.17 42.90 -31.70
C GLU A 542 -6.85 43.55 -31.27
N GLN A 543 -6.91 44.84 -30.92
CA GLN A 543 -5.76 45.66 -30.46
C GLN A 543 -4.61 44.90 -29.80
N LEU A 544 -4.92 43.79 -29.14
CA LEU A 544 -3.92 42.83 -28.66
C LEU A 544 -3.07 42.20 -29.78
N LYS A 545 -3.51 42.38 -31.03
CA LYS A 545 -2.70 42.05 -32.19
C LYS A 545 -1.55 43.04 -32.28
N ALA A 546 -1.89 44.31 -32.44
CA ALA A 546 -0.90 45.40 -32.63
C ALA A 546 0.27 45.36 -31.64
N VAL A 547 -0.01 45.48 -30.36
CA VAL A 547 1.05 45.55 -29.33
C VAL A 547 1.81 44.21 -29.26
N MET A 548 1.13 43.12 -29.62
CA MET A 548 1.80 41.83 -29.82
C MET A 548 2.57 41.80 -31.15
N ASP A 549 2.03 42.49 -32.16
CA ASP A 549 2.77 42.72 -33.40
C ASP A 549 4.08 43.43 -33.08
N ASP A 550 4.02 44.38 -32.16
CA ASP A 550 5.18 45.20 -31.80
C ASP A 550 6.22 44.40 -31.02
N PHE A 551 5.81 43.76 -29.93
CA PHE A 551 6.70 42.89 -29.13
C PHE A 551 7.27 41.69 -29.92
N ALA A 552 6.70 41.40 -31.09
CA ALA A 552 7.17 40.32 -31.96
C ALA A 552 8.02 40.85 -33.11
N ALA A 553 7.56 41.95 -33.72
CA ALA A 553 8.27 42.55 -34.85
C ALA A 553 9.53 43.27 -34.40
N PHE A 554 9.48 43.94 -33.25
CA PHE A 554 10.65 44.66 -32.72
C PHE A 554 11.82 43.72 -32.42
N VAL A 555 11.50 42.44 -32.25
CA VAL A 555 12.51 41.39 -32.14
C VAL A 555 13.36 41.38 -33.41
N GLU A 556 12.70 41.45 -34.55
CA GLU A 556 13.36 41.47 -35.86
C GLU A 556 14.37 42.60 -35.89
N LYS A 557 13.98 43.75 -35.36
CA LYS A 557 14.83 44.93 -35.28
C LYS A 557 16.13 44.61 -34.54
N CYS A 558 16.00 44.06 -33.33
CA CYS A 558 17.15 43.90 -32.42
C CYS A 558 18.01 42.66 -32.67
N CYS A 559 17.42 41.59 -33.21
CA CYS A 559 18.23 40.43 -33.63
C CYS A 559 19.19 40.91 -34.72
N LYS A 560 18.62 41.44 -35.80
CA LYS A 560 19.39 42.03 -36.88
C LYS A 560 19.80 43.46 -36.52
N ALA A 561 20.37 43.64 -35.33
CA ALA A 561 20.83 44.97 -34.86
C ALA A 561 22.30 45.03 -34.49
N ASP A 562 22.98 43.88 -34.53
CA ASP A 562 24.45 43.82 -34.40
C ASP A 562 24.99 44.63 -33.22
N ASP A 563 24.45 44.36 -32.04
CA ASP A 563 24.88 45.05 -30.83
C ASP A 563 24.85 44.15 -29.60
N LYS A 564 25.44 44.64 -28.52
CA LYS A 564 25.57 43.90 -27.26
C LYS A 564 24.43 44.25 -26.30
N GLU A 565 23.21 43.95 -26.74
CA GLU A 565 21.98 44.18 -25.95
C GLU A 565 21.81 45.65 -25.53
N THR A 566 22.13 46.56 -26.44
CA THR A 566 21.87 47.98 -26.23
C THR A 566 20.40 48.29 -26.47
N CYS A 567 19.89 47.93 -27.64
CA CYS A 567 18.50 48.24 -28.03
C CYS A 567 17.48 47.48 -27.19
N PHE A 568 17.86 46.30 -26.71
CA PHE A 568 17.00 45.54 -25.80
C PHE A 568 16.76 46.30 -24.48
N ALA A 569 17.75 47.07 -24.03
CA ALA A 569 17.65 47.81 -22.78
C ALA A 569 16.98 49.20 -22.91
N GLU A 570 16.59 49.58 -24.13
CA GLU A 570 15.96 50.90 -24.38
C GLU A 570 14.81 50.85 -25.40
N GLU A 571 15.05 50.26 -26.57
CA GLU A 571 14.00 50.13 -27.59
C GLU A 571 12.87 49.17 -27.18
N GLY A 572 13.12 48.37 -26.15
CA GLY A 572 12.08 47.60 -25.46
C GLY A 572 11.32 48.45 -24.45
N LYS A 573 12.00 49.44 -23.88
CA LYS A 573 11.38 50.44 -22.99
C LYS A 573 10.47 51.41 -23.76
N LYS A 574 10.67 51.50 -25.07
CA LYS A 574 9.80 52.29 -25.94
C LYS A 574 8.40 51.68 -26.02
N LEU A 575 8.35 50.35 -25.91
CA LEU A 575 7.13 49.57 -26.13
C LEU A 575 6.26 49.39 -24.88
N VAL A 576 6.85 49.55 -23.69
CA VAL A 576 6.08 49.47 -22.44
C VAL A 576 5.15 50.68 -22.28
N ALA A 577 5.55 51.81 -22.86
CA ALA A 577 4.69 52.98 -22.97
C ALA A 577 3.61 52.77 -24.03
N ALA A 578 3.95 52.01 -25.06
CA ALA A 578 3.00 51.68 -26.13
C ALA A 578 1.90 50.68 -25.71
N SER A 579 2.19 49.84 -24.71
CA SER A 579 1.28 48.77 -24.28
C SER A 579 0.35 49.15 -23.12
N GLN A 580 0.49 50.36 -22.59
CA GLN A 580 -0.34 50.84 -21.47
C GLN A 580 -1.39 51.83 -21.97
N ALA A 581 -0.92 52.88 -22.65
CA ALA A 581 -1.79 53.90 -23.23
C ALA A 581 -2.67 53.32 -24.34
N ALA A 582 -2.04 52.64 -25.30
CA ALA A 582 -2.75 51.94 -26.36
C ALA A 582 -2.79 50.44 -26.06
N SER B 5 19.52 16.64 13.86
CA SER B 5 20.08 15.77 14.95
C SER B 5 19.00 15.04 15.71
N GLU B 6 18.73 13.82 15.28
CA GLU B 6 17.62 13.05 15.80
C GLU B 6 17.97 12.43 17.15
N VAL B 7 19.25 12.11 17.33
CA VAL B 7 19.74 11.59 18.59
C VAL B 7 19.59 12.62 19.72
N ALA B 8 19.79 13.90 19.41
CA ALA B 8 19.61 14.97 20.41
C ALA B 8 18.15 15.11 20.84
N HIS B 9 17.26 15.06 19.85
CA HIS B 9 15.83 15.17 20.10
C HIS B 9 15.34 14.02 21.01
N ARG B 10 15.81 12.82 20.72
CA ARG B 10 15.42 11.64 21.50
C ARG B 10 16.03 11.68 22.88
N PHE B 11 17.34 11.91 22.97
CA PHE B 11 18.00 12.09 24.26
C PHE B 11 17.32 13.16 25.14
N LYS B 12 16.92 14.27 24.53
CA LYS B 12 16.24 15.36 25.27
C LYS B 12 14.89 14.96 25.84
N ASP B 13 14.07 14.26 25.03
CA ASP B 13 12.66 13.95 25.36
C ASP B 13 12.48 12.77 26.31
N LEU B 14 13.44 11.85 26.32
CA LEU B 14 13.36 10.65 27.18
C LEU B 14 14.25 10.78 28.41
N GLY B 15 15.46 11.29 28.19
CA GLY B 15 16.45 11.43 29.24
C GLY B 15 17.55 10.39 29.07
N GLU B 16 18.67 10.68 29.73
CA GLU B 16 19.89 9.85 29.71
C GLU B 16 19.60 8.38 30.06
N GLU B 17 18.90 8.18 31.18
CA GLU B 17 18.57 6.84 31.68
C GLU B 17 17.74 6.04 30.67
N ASN B 18 16.55 6.55 30.35
CA ASN B 18 15.65 5.86 29.40
C ASN B 18 16.17 5.89 27.96
N PHE B 19 17.01 6.87 27.64
CA PHE B 19 17.81 6.79 26.43
C PHE B 19 18.72 5.56 26.51
N LYS B 20 19.54 5.50 27.55
CA LYS B 20 20.49 4.38 27.72
C LYS B 20 19.78 3.02 27.71
N ALA B 21 18.70 2.91 28.46
CA ALA B 21 17.94 1.66 28.60
C ALA B 21 17.32 1.17 27.29
N LEU B 22 16.89 2.10 26.43
CA LEU B 22 16.21 1.77 25.17
C LEU B 22 17.12 1.39 24.01
N VAL B 23 18.39 1.73 24.12
CA VAL B 23 19.38 1.41 23.09
C VAL B 23 19.93 0.01 23.38
N LEU B 24 20.25 -0.23 24.65
CA LEU B 24 20.61 -1.57 25.11
C LEU B 24 19.60 -2.60 24.62
N ILE B 25 18.31 -2.30 24.78
CA ILE B 25 17.25 -3.22 24.39
C ILE B 25 17.25 -3.37 22.89
N ALA B 26 17.29 -2.24 22.19
CA ALA B 26 17.29 -2.22 20.72
C ALA B 26 18.36 -3.10 20.14
N PHE B 27 19.59 -2.92 20.62
CA PHE B 27 20.70 -3.75 20.17
C PHE B 27 20.52 -5.21 20.57
N ALA B 28 19.97 -5.42 21.76
CA ALA B 28 19.82 -6.75 22.32
C ALA B 28 18.81 -7.57 21.53
N GLN B 29 17.68 -6.96 21.20
CA GLN B 29 16.65 -7.62 20.42
C GLN B 29 17.22 -7.97 19.04
N TYR B 30 18.10 -7.12 18.53
CA TYR B 30 18.77 -7.33 17.25
C TYR B 30 19.82 -8.45 17.29
N LEU B 31 20.93 -8.21 17.98
CA LEU B 31 22.02 -9.18 18.04
C LEU B 31 21.85 -10.10 19.27
N GLN B 32 21.02 -11.12 19.12
CA GLN B 32 20.57 -11.94 20.26
C GLN B 32 21.62 -12.90 20.84
N GLN B 33 22.58 -13.35 20.02
CA GLN B 33 23.66 -14.21 20.52
C GLN B 33 24.91 -13.40 20.94
N CYS B 34 24.82 -12.07 20.86
CA CYS B 34 25.91 -11.20 21.28
C CYS B 34 25.85 -10.88 22.78
N PRO B 35 27.01 -10.87 23.47
CA PRO B 35 26.97 -10.87 24.93
C PRO B 35 26.87 -9.49 25.56
N PHE B 36 26.43 -9.48 26.81
CA PHE B 36 26.14 -8.29 27.60
C PHE B 36 27.19 -7.17 27.53
N GLU B 37 28.42 -7.49 27.88
CA GLU B 37 29.48 -6.47 27.95
C GLU B 37 29.73 -5.82 26.59
N ASP B 38 29.71 -6.63 25.54
CA ASP B 38 29.86 -6.11 24.18
C ASP B 38 28.76 -5.10 23.88
N HIS B 39 27.58 -5.32 24.43
CA HIS B 39 26.44 -4.42 24.25
C HIS B 39 26.45 -3.16 25.16
N VAL B 40 27.15 -3.22 26.28
CA VAL B 40 27.30 -2.03 27.12
C VAL B 40 28.16 -0.99 26.40
N LYS B 41 29.21 -1.47 25.74
CA LYS B 41 30.20 -0.58 25.13
C LYS B 41 29.56 0.30 24.04
N LEU B 42 28.81 -0.35 23.16
CA LEU B 42 28.17 0.30 21.99
C LEU B 42 27.17 1.36 22.44
N VAL B 43 26.32 0.98 23.38
CA VAL B 43 25.42 1.93 24.05
C VAL B 43 26.24 3.14 24.54
N ASN B 44 27.24 2.87 25.38
CA ASN B 44 28.05 3.93 25.96
C ASN B 44 28.73 4.77 24.91
N GLU B 45 29.13 4.14 23.82
CA GLU B 45 29.80 4.86 22.74
C GLU B 45 28.79 5.70 21.93
N VAL B 46 27.57 5.20 21.78
CA VAL B 46 26.46 5.97 21.21
C VAL B 46 26.04 7.08 22.16
N THR B 47 25.90 6.73 23.43
CA THR B 47 25.57 7.69 24.49
C THR B 47 26.64 8.74 24.73
N GLU B 48 27.91 8.36 24.64
CA GLU B 48 29.00 9.33 24.63
C GLU B 48 28.74 10.27 23.45
N PHE B 49 28.49 9.67 22.30
CA PHE B 49 28.25 10.44 21.08
C PHE B 49 27.02 11.33 21.22
N ALA B 50 25.96 10.75 21.75
CA ALA B 50 24.69 11.45 21.83
C ALA B 50 24.85 12.76 22.61
N LYS B 51 25.60 12.73 23.70
CA LYS B 51 25.85 13.94 24.51
C LYS B 51 26.54 15.09 23.76
N THR B 52 27.34 14.77 22.75
CA THR B 52 27.99 15.84 21.93
C THR B 52 26.97 16.52 21.03
N CYS B 53 25.96 15.75 20.59
CA CYS B 53 24.92 16.24 19.68
C CYS B 53 23.88 17.11 20.37
N VAL B 54 23.64 16.87 21.65
CA VAL B 54 22.74 17.71 22.44
C VAL B 54 23.38 19.07 22.67
N ALA B 55 24.70 19.06 22.88
CA ALA B 55 25.48 20.27 23.14
C ALA B 55 25.60 21.15 21.90
N ASP B 56 25.95 20.51 20.78
CA ASP B 56 25.98 21.15 19.46
C ASP B 56 25.36 20.17 18.45
N GLU B 57 24.25 20.56 17.84
CA GLU B 57 23.49 19.68 16.93
C GLU B 57 24.03 19.69 15.50
N SER B 58 25.12 20.42 15.28
CA SER B 58 25.76 20.52 13.96
C SER B 58 27.00 19.64 13.83
N ALA B 59 27.51 19.17 14.97
CA ALA B 59 28.83 18.54 15.03
C ALA B 59 28.85 17.11 14.48
N GLU B 60 29.91 16.83 13.71
CA GLU B 60 30.22 15.48 13.23
C GLU B 60 29.03 14.81 12.53
N ASN B 61 28.68 13.60 12.95
CA ASN B 61 27.64 12.82 12.30
C ASN B 61 26.25 12.97 12.95
N CYS B 62 25.98 14.11 13.57
CA CYS B 62 24.76 14.28 14.35
C CYS B 62 23.50 14.34 13.50
N ASP B 63 23.64 14.64 12.22
CA ASP B 63 22.51 14.70 11.30
C ASP B 63 22.13 13.33 10.71
N LYS B 64 22.89 12.29 11.06
CA LYS B 64 22.57 10.94 10.61
C LYS B 64 21.25 10.48 11.24
N SER B 65 20.61 9.54 10.54
CA SER B 65 19.38 8.87 10.98
C SER B 65 19.69 7.84 12.04
N LEU B 66 18.76 7.66 13.00
CA LEU B 66 18.96 6.72 14.10
C LEU B 66 19.31 5.32 13.61
N HIS B 67 18.75 4.94 12.46
CA HIS B 67 19.04 3.65 11.84
C HIS B 67 20.48 3.52 11.42
N THR B 68 20.97 4.55 10.77
CA THR B 68 22.35 4.57 10.31
C THR B 68 23.29 4.58 11.52
N LEU B 69 22.95 5.37 12.53
CA LEU B 69 23.78 5.43 13.73
C LEU B 69 23.79 4.08 14.46
N PHE B 70 22.62 3.45 14.54
CA PHE B 70 22.49 2.20 15.27
C PHE B 70 23.00 1.01 14.44
N GLY B 71 22.61 0.96 13.17
CA GLY B 71 23.06 -0.11 12.26
C GLY B 71 24.55 -0.10 12.01
N ASP B 72 25.12 1.11 11.96
CA ASP B 72 26.56 1.31 11.96
C ASP B 72 27.23 0.53 13.07
N LYS B 73 26.95 0.98 14.30
CA LYS B 73 27.62 0.52 15.51
C LYS B 73 27.46 -1.00 15.69
N LEU B 74 26.32 -1.53 15.25
CA LEU B 74 26.07 -2.98 15.29
C LEU B 74 26.96 -3.77 14.32
N CYS B 75 27.33 -3.16 13.20
CA CYS B 75 28.11 -3.84 12.15
C CYS B 75 29.62 -4.00 12.46
N THR B 76 30.06 -3.55 13.63
CA THR B 76 31.42 -3.80 14.11
C THR B 76 31.53 -5.04 15.00
N VAL B 77 30.37 -5.59 15.38
CA VAL B 77 30.29 -6.81 16.21
C VAL B 77 29.89 -8.03 15.36
N ALA B 78 29.15 -7.78 14.28
CA ALA B 78 28.71 -8.83 13.37
C ALA B 78 29.87 -9.47 12.61
N THR B 79 30.94 -8.71 12.37
CA THR B 79 32.16 -9.21 11.70
C THR B 79 32.94 -10.23 12.54
N LEU B 80 32.23 -11.26 13.01
CA LEU B 80 32.83 -12.44 13.65
C LEU B 80 32.01 -13.68 13.24
N ARG B 81 31.52 -13.65 12.00
CA ARG B 81 30.41 -14.51 11.53
C ARG B 81 30.49 -16.01 11.83
N GLU B 82 31.67 -16.50 12.21
CA GLU B 82 31.85 -17.89 12.67
C GLU B 82 30.83 -18.32 13.73
N THR B 83 30.47 -17.38 14.60
CA THR B 83 29.41 -17.58 15.60
C THR B 83 28.44 -16.38 15.57
N TYR B 84 27.85 -16.18 14.41
CA TYR B 84 26.71 -15.28 14.23
C TYR B 84 25.95 -15.74 12.99
N GLY B 85 26.63 -15.72 11.84
CA GLY B 85 26.12 -16.33 10.61
C GLY B 85 25.76 -15.37 9.49
N GLU B 86 24.47 -15.35 9.13
CA GLU B 86 23.98 -14.60 7.96
C GLU B 86 23.29 -13.30 8.34
N MET B 87 23.93 -12.53 9.21
CA MET B 87 23.45 -11.20 9.62
C MET B 87 24.30 -10.06 9.01
N ALA B 88 25.56 -10.36 8.69
CA ALA B 88 26.44 -9.44 7.93
C ALA B 88 26.06 -9.39 6.45
N ASP B 89 25.03 -10.15 6.07
CA ASP B 89 24.27 -9.89 4.86
C ASP B 89 23.73 -8.47 5.04
N CYS B 90 23.04 -8.27 6.15
CA CYS B 90 22.45 -6.99 6.49
C CYS B 90 23.49 -5.87 6.61
N CYS B 91 24.71 -6.22 7.00
CA CYS B 91 25.81 -5.27 7.01
C CYS B 91 26.36 -5.03 5.61
N ALA B 92 26.25 -6.04 4.75
CA ALA B 92 26.57 -5.89 3.32
C ALA B 92 25.44 -5.16 2.57
N LYS B 93 24.83 -4.17 3.21
CA LYS B 93 23.57 -3.62 2.74
C LYS B 93 23.30 -2.16 3.14
N GLN B 94 22.97 -1.35 2.15
CA GLN B 94 22.72 0.09 2.30
C GLN B 94 21.37 0.31 3.01
N GLU B 95 21.20 1.44 3.70
CA GLU B 95 19.99 1.68 4.52
C GLU B 95 18.84 2.23 3.66
N PRO B 96 17.60 1.71 3.83
CA PRO B 96 17.03 0.81 4.85
C PRO B 96 17.03 -0.71 4.54
N GLU B 97 17.94 -1.16 3.69
CA GLU B 97 18.05 -2.59 3.39
C GLU B 97 18.57 -3.34 4.61
N ARG B 98 19.31 -2.63 5.43
CA ARG B 98 19.87 -3.16 6.67
C ARG B 98 18.78 -3.31 7.74
N ASN B 99 18.08 -2.23 8.04
CA ASN B 99 17.06 -2.28 9.08
C ASN B 99 16.05 -3.38 8.78
N GLU B 100 15.56 -3.39 7.55
CA GLU B 100 14.59 -4.39 7.10
C GLU B 100 15.16 -5.80 7.29
N CYS B 101 16.46 -5.95 7.08
CA CYS B 101 17.18 -7.23 7.24
C CYS B 101 17.39 -7.63 8.70
N PHE B 102 17.93 -6.70 9.49
CA PHE B 102 18.13 -6.91 10.92
C PHE B 102 16.85 -7.42 11.59
N LEU B 103 15.73 -6.77 11.30
CA LEU B 103 14.43 -7.15 11.88
C LEU B 103 14.04 -8.52 11.38
N GLN B 104 14.33 -8.76 10.10
CA GLN B 104 13.98 -10.02 9.43
C GLN B 104 14.62 -11.25 10.07
N HIS B 105 15.78 -11.07 10.69
CA HIS B 105 16.57 -12.14 11.29
C HIS B 105 16.22 -12.43 12.78
N LYS B 106 15.34 -11.62 13.36
CA LYS B 106 14.85 -11.84 14.72
C LYS B 106 14.36 -13.27 14.94
N ASP B 107 14.93 -13.88 15.98
CA ASP B 107 14.57 -15.21 16.44
C ASP B 107 13.59 -15.04 17.62
N ASP B 108 12.39 -15.59 17.44
CA ASP B 108 11.34 -15.65 18.46
C ASP B 108 11.57 -16.75 19.50
N ASN B 109 12.58 -17.58 19.27
CA ASN B 109 12.90 -18.70 20.16
C ASN B 109 14.36 -19.12 19.91
N PRO B 110 15.31 -18.25 20.24
CA PRO B 110 16.71 -18.54 20.02
C PRO B 110 17.21 -19.56 21.03
N ASN B 111 18.16 -20.38 20.63
CA ASN B 111 18.77 -21.33 21.55
C ASN B 111 19.75 -20.61 22.47
N LEU B 112 19.27 -20.24 23.65
CA LEU B 112 20.13 -19.65 24.68
C LEU B 112 20.01 -20.41 26.00
N PRO B 113 21.17 -20.81 26.57
CA PRO B 113 21.17 -21.55 27.81
C PRO B 113 20.20 -20.92 28.80
N ARG B 114 19.20 -21.68 29.22
CA ARG B 114 18.14 -21.14 30.07
C ARG B 114 18.73 -20.71 31.41
N LEU B 115 18.64 -19.40 31.67
CA LEU B 115 19.16 -18.80 32.89
C LEU B 115 18.77 -19.64 34.11
N VAL B 116 19.78 -20.06 34.87
CA VAL B 116 19.56 -20.74 36.16
C VAL B 116 19.76 -19.73 37.29
N ARG B 117 18.69 -19.46 38.04
CA ARG B 117 18.72 -18.43 39.07
C ARG B 117 19.31 -18.94 40.37
N PRO B 118 20.27 -18.18 40.96
CA PRO B 118 20.83 -18.54 42.25
C PRO B 118 20.00 -18.07 43.47
N GLU B 119 20.55 -18.25 44.66
CA GLU B 119 19.84 -17.96 45.91
C GLU B 119 19.53 -16.47 46.08
N VAL B 120 18.49 -16.20 46.87
CA VAL B 120 18.08 -14.84 47.19
C VAL B 120 19.22 -14.07 47.82
N ASP B 121 19.89 -14.73 48.76
CA ASP B 121 21.11 -14.23 49.39
C ASP B 121 22.14 -13.84 48.33
N VAL B 122 22.26 -14.67 47.29
CA VAL B 122 23.18 -14.42 46.17
C VAL B 122 22.77 -13.19 45.34
N MET B 123 21.46 -13.02 45.15
CA MET B 123 20.95 -11.99 44.24
C MET B 123 20.89 -10.60 44.88
N CYS B 124 20.45 -10.52 46.15
CA CYS B 124 20.43 -9.26 46.88
C CYS B 124 21.85 -8.77 47.15
N THR B 125 22.78 -9.71 47.18
CA THR B 125 24.19 -9.37 47.28
C THR B 125 24.64 -8.75 45.96
N ALA B 126 24.24 -9.37 44.85
CA ALA B 126 24.51 -8.84 43.51
C ALA B 126 23.82 -7.51 43.27
N PHE B 127 22.60 -7.39 43.80
CA PHE B 127 21.82 -6.18 43.68
C PHE B 127 22.46 -5.00 44.42
N HIS B 128 23.04 -5.27 45.58
CA HIS B 128 23.67 -4.22 46.39
C HIS B 128 24.98 -3.73 45.80
N ASP B 129 25.85 -4.66 45.43
CA ASP B 129 27.10 -4.37 44.69
C ASP B 129 26.87 -3.20 43.72
N ASN B 130 26.17 -3.47 42.64
CA ASN B 130 25.97 -2.49 41.59
C ASN B 130 24.63 -2.79 40.92
N GLU B 131 23.57 -2.15 41.43
CA GLU B 131 22.23 -2.39 40.91
C GLU B 131 22.12 -1.97 39.45
N GLU B 132 22.99 -1.03 39.05
CA GLU B 132 23.02 -0.53 37.67
C GLU B 132 23.40 -1.67 36.72
N THR B 133 24.48 -2.37 37.02
CA THR B 133 24.89 -3.55 36.26
C THR B 133 23.87 -4.71 36.33
N PHE B 134 23.15 -4.79 37.44
CA PHE B 134 22.15 -5.84 37.71
C PHE B 134 20.88 -5.56 36.91
N LEU B 135 20.41 -4.32 36.98
CA LEU B 135 19.17 -3.92 36.28
C LEU B 135 19.32 -3.86 34.76
N LYS B 136 20.47 -3.40 34.26
CA LYS B 136 20.73 -3.48 32.82
C LYS B 136 20.69 -4.94 32.38
N LYS B 137 21.25 -5.82 33.21
CA LYS B 137 21.33 -7.25 32.93
C LYS B 137 19.96 -7.93 32.92
N TYR B 138 18.96 -7.29 33.50
CA TYR B 138 17.58 -7.77 33.44
C TYR B 138 16.92 -7.40 32.11
N LEU B 139 17.09 -6.15 31.68
CA LEU B 139 16.70 -5.75 30.33
C LEU B 139 17.30 -6.72 29.32
N TYR B 140 18.64 -6.81 29.33
CA TYR B 140 19.44 -7.53 28.33
C TYR B 140 18.89 -8.91 28.01
N GLU B 141 18.55 -9.66 29.04
CA GLU B 141 18.19 -11.08 28.91
C GLU B 141 16.74 -11.27 28.43
N ILE B 142 15.82 -10.50 28.97
CA ILE B 142 14.44 -10.50 28.47
C ILE B 142 14.46 -10.13 26.98
N ALA B 143 15.00 -8.95 26.69
CA ALA B 143 15.15 -8.42 25.32
C ALA B 143 15.61 -9.46 24.27
N ARG B 144 16.79 -10.04 24.48
CA ARG B 144 17.32 -11.04 23.52
C ARG B 144 16.44 -12.29 23.42
N ARG B 145 15.79 -12.68 24.51
CA ARG B 145 14.91 -13.87 24.50
C ARG B 145 13.54 -13.54 23.89
N HIS B 146 13.22 -12.24 23.85
CA HIS B 146 11.94 -11.75 23.34
C HIS B 146 12.20 -10.52 22.46
N PRO B 147 12.58 -10.74 21.18
CA PRO B 147 13.11 -9.68 20.32
C PRO B 147 12.05 -8.70 19.88
N TYR B 148 10.79 -9.01 20.16
CA TYR B 148 9.65 -8.16 19.83
C TYR B 148 9.01 -7.59 21.08
N PHE B 149 9.66 -7.72 22.24
CA PHE B 149 9.07 -7.21 23.48
C PHE B 149 8.84 -5.72 23.37
N TYR B 150 7.70 -5.28 23.88
CA TYR B 150 7.33 -3.87 23.86
C TYR B 150 8.25 -3.08 24.77
N ALA B 151 9.06 -2.21 24.17
CA ALA B 151 10.18 -1.57 24.83
C ALA B 151 9.81 -0.60 25.95
N PRO B 152 8.87 0.32 25.70
CA PRO B 152 8.44 1.17 26.79
C PRO B 152 8.02 0.38 28.01
N GLU B 153 7.21 -0.66 27.79
CA GLU B 153 6.70 -1.47 28.89
C GLU B 153 7.83 -2.22 29.61
N LEU B 154 8.80 -2.71 28.85
CA LEU B 154 9.94 -3.38 29.47
C LEU B 154 10.54 -2.48 30.54
N LEU B 155 10.72 -1.20 30.20
CA LEU B 155 11.19 -0.20 31.19
C LEU B 155 10.32 -0.16 32.46
N PHE B 156 9.01 -0.27 32.28
CA PHE B 156 8.10 -0.38 33.41
C PHE B 156 8.36 -1.66 34.22
N PHE B 157 8.59 -2.78 33.52
CA PHE B 157 8.92 -4.05 34.17
C PHE B 157 10.25 -3.97 34.92
N ALA B 158 11.21 -3.26 34.33
CA ALA B 158 12.49 -3.03 35.00
C ALA B 158 12.31 -2.28 36.32
N LYS B 159 11.51 -1.22 36.31
CA LYS B 159 11.26 -0.39 37.51
C LYS B 159 10.59 -1.18 38.66
N ARG B 160 9.75 -2.14 38.31
CA ARG B 160 9.07 -2.99 39.29
C ARG B 160 10.01 -4.07 39.80
N TYR B 161 10.71 -4.70 38.88
CA TYR B 161 11.80 -5.62 39.19
C TYR B 161 12.78 -4.97 40.17
N LYS B 162 13.16 -3.73 39.87
CA LYS B 162 14.00 -2.93 40.76
C LYS B 162 13.37 -2.72 42.12
N ALA B 163 12.07 -2.43 42.12
CA ALA B 163 11.31 -2.21 43.34
C ALA B 163 11.24 -3.47 44.21
N ALA B 164 11.02 -4.60 43.55
CA ALA B 164 10.99 -5.90 44.20
C ALA B 164 12.30 -6.23 44.97
N PHE B 165 13.44 -5.78 44.46
CA PHE B 165 14.74 -6.06 45.08
C PHE B 165 15.12 -5.06 46.15
N THR B 166 14.44 -3.92 46.16
CA THR B 166 14.68 -2.87 47.16
C THR B 166 13.95 -3.20 48.47
N GLU B 167 12.73 -3.71 48.34
CA GLU B 167 11.91 -4.07 49.49
C GLU B 167 12.38 -5.42 50.08
N CYS B 168 12.48 -6.44 49.24
CA CYS B 168 12.77 -7.81 49.70
C CYS B 168 14.20 -8.11 50.12
N CYS B 169 15.08 -7.13 50.10
CA CYS B 169 16.44 -7.32 50.64
C CYS B 169 16.61 -6.52 51.94
N GLN B 170 15.63 -5.68 52.25
CA GLN B 170 15.46 -5.08 53.58
C GLN B 170 14.58 -5.96 54.49
N ALA B 171 14.02 -7.03 53.94
CA ALA B 171 12.95 -7.79 54.59
C ALA B 171 13.49 -8.87 55.52
N ALA B 172 12.70 -9.24 56.52
CA ALA B 172 13.08 -10.30 57.47
C ALA B 172 13.12 -11.66 56.78
N ASP B 173 12.06 -11.99 56.06
CA ASP B 173 12.03 -13.15 55.18
C ASP B 173 12.18 -12.65 53.75
N LYS B 174 13.43 -12.50 53.31
CA LYS B 174 13.77 -11.98 51.99
C LYS B 174 13.08 -12.74 50.85
N ALA B 175 12.99 -14.05 50.97
CA ALA B 175 12.56 -14.90 49.84
C ALA B 175 11.05 -14.93 49.66
N ALA B 176 10.33 -15.10 50.77
CA ALA B 176 8.87 -15.14 50.75
C ALA B 176 8.32 -13.82 50.23
N CYS B 177 9.11 -12.76 50.34
CA CYS B 177 8.81 -11.45 49.75
C CYS B 177 9.02 -11.43 48.23
N LEU B 178 10.20 -11.85 47.81
CA LEU B 178 10.69 -11.63 46.46
C LEU B 178 10.07 -12.60 45.44
N LEU B 179 10.23 -13.89 45.72
CA LEU B 179 9.79 -14.95 44.83
C LEU B 179 8.41 -14.70 44.21
N PRO B 180 7.38 -14.45 45.04
CA PRO B 180 6.08 -14.17 44.44
C PRO B 180 5.98 -12.83 43.68
N LYS B 181 6.79 -11.83 44.03
CA LYS B 181 6.89 -10.64 43.17
C LYS B 181 7.54 -11.01 41.83
N LEU B 182 8.53 -11.90 41.90
CA LEU B 182 9.28 -12.31 40.73
C LEU B 182 8.52 -13.30 39.86
N ASP B 183 7.79 -14.21 40.50
CA ASP B 183 6.94 -15.15 39.75
C ASP B 183 5.87 -14.34 39.02
N GLU B 184 5.22 -13.44 39.75
CA GLU B 184 4.22 -12.51 39.19
C GLU B 184 4.73 -11.76 37.94
N LEU B 185 6.00 -11.37 37.92
CA LEU B 185 6.60 -10.68 36.78
C LEU B 185 6.75 -11.56 35.57
N ARG B 186 7.30 -12.75 35.78
CA ARG B 186 7.49 -13.74 34.74
C ARG B 186 6.15 -14.01 34.03
N ASP B 187 5.07 -14.14 34.79
CA ASP B 187 3.73 -14.25 34.20
C ASP B 187 3.38 -12.98 33.43
N GLU B 188 3.36 -11.87 34.17
CA GLU B 188 2.96 -10.57 33.64
C GLU B 188 3.75 -10.21 32.38
N GLY B 189 5.01 -10.60 32.34
CA GLY B 189 5.88 -10.33 31.21
C GLY B 189 5.59 -11.20 30.00
N LYS B 190 5.63 -12.52 30.18
CA LYS B 190 5.33 -13.44 29.09
C LYS B 190 4.04 -12.99 28.40
N ALA B 191 3.01 -12.71 29.20
CA ALA B 191 1.72 -12.29 28.69
C ALA B 191 1.86 -11.01 27.89
N SER B 192 2.71 -10.09 28.34
CA SER B 192 2.97 -8.85 27.60
C SER B 192 3.71 -9.16 26.32
N SER B 193 4.71 -10.02 26.42
CA SER B 193 5.50 -10.39 25.26
C SER B 193 4.55 -10.81 24.18
N ALA B 194 3.74 -11.83 24.49
CA ALA B 194 2.83 -12.46 23.52
C ALA B 194 1.93 -11.47 22.85
N LYS B 195 1.13 -10.76 23.63
CA LYS B 195 0.24 -9.69 23.13
C LYS B 195 0.94 -8.83 22.08
N GLN B 196 2.14 -8.36 22.40
CA GLN B 196 2.87 -7.55 21.45
C GLN B 196 3.22 -8.31 20.16
N ARG B 197 3.47 -9.60 20.26
CA ARG B 197 3.73 -10.37 19.05
C ARG B 197 2.51 -10.36 18.13
N LEU B 198 1.32 -10.43 18.71
CA LEU B 198 0.12 -10.28 17.92
C LEU B 198 0.08 -8.91 17.18
N LYS B 199 0.49 -7.82 17.84
CA LYS B 199 0.46 -6.49 17.22
C LYS B 199 1.44 -6.31 16.06
N CYS B 200 2.71 -6.66 16.24
CA CYS B 200 3.63 -6.59 15.12
C CYS B 200 3.22 -7.59 14.05
N ALA B 201 2.87 -8.79 14.47
CA ALA B 201 2.28 -9.75 13.54
C ALA B 201 1.24 -9.01 12.70
N SER B 202 0.24 -8.45 13.36
CA SER B 202 -0.84 -7.77 12.67
C SER B 202 -0.26 -6.83 11.64
N LEU B 203 0.50 -5.87 12.14
CA LEU B 203 1.15 -4.89 11.30
C LEU B 203 1.88 -5.49 10.10
N GLN B 204 2.69 -6.50 10.37
CA GLN B 204 3.67 -6.97 9.40
C GLN B 204 3.09 -7.90 8.32
N LYS B 205 2.39 -8.96 8.69
CA LYS B 205 1.83 -9.86 7.68
C LYS B 205 0.50 -9.34 7.11
N PHE B 206 -0.04 -8.25 7.65
CA PHE B 206 -1.37 -7.73 7.22
C PHE B 206 -1.49 -6.21 6.98
N GLY B 207 -0.70 -5.39 7.67
CA GLY B 207 -0.71 -3.93 7.44
C GLY B 207 -1.58 -3.09 8.37
N GLU B 208 -1.43 -1.78 8.29
CA GLU B 208 -1.96 -0.89 9.31
C GLU B 208 -3.47 -0.80 9.25
N ARG B 209 -4.02 -0.83 8.04
CA ARG B 209 -5.45 -1.00 7.83
C ARG B 209 -5.96 -2.02 8.86
N ALA B 210 -5.29 -3.17 8.95
CA ALA B 210 -5.72 -4.26 9.84
C ALA B 210 -5.55 -3.98 11.34
N PHE B 211 -4.39 -3.49 11.74
CA PHE B 211 -4.13 -3.10 13.11
C PHE B 211 -5.13 -2.05 13.54
N LYS B 212 -5.28 -1.01 12.74
CA LYS B 212 -6.27 0.03 12.99
C LYS B 212 -7.63 -0.57 13.36
N ALA B 213 -8.11 -1.52 12.55
CA ALA B 213 -9.43 -2.14 12.81
C ALA B 213 -9.46 -2.79 14.19
N TRP B 214 -8.44 -3.57 14.50
CA TRP B 214 -8.32 -4.20 15.80
C TRP B 214 -8.35 -3.18 16.95
N ALA B 215 -7.76 -2.00 16.74
CA ALA B 215 -7.59 -1.00 17.80
C ALA B 215 -8.85 -0.16 18.04
N VAL B 216 -9.40 0.43 16.98
CA VAL B 216 -10.66 1.17 17.10
C VAL B 216 -11.70 0.37 17.87
N ALA B 217 -11.75 -0.94 17.62
CA ALA B 217 -12.64 -1.84 18.33
C ALA B 217 -12.37 -1.79 19.84
N ARG B 218 -11.12 -1.99 20.26
CA ARG B 218 -10.78 -2.03 21.69
C ARG B 218 -10.96 -0.66 22.36
N LEU B 219 -10.60 0.40 21.65
CA LEU B 219 -10.67 1.75 22.20
C LEU B 219 -12.11 2.22 22.31
N SER B 220 -12.95 1.79 21.38
CA SER B 220 -14.34 2.21 21.38
C SER B 220 -15.14 1.44 22.43
N GLN B 221 -14.75 0.20 22.68
CA GLN B 221 -15.29 -0.60 23.81
C GLN B 221 -15.02 0.08 25.15
N ARG B 222 -13.79 0.53 25.30
CA ARG B 222 -13.35 1.18 26.53
C ARG B 222 -13.85 2.60 26.67
N PHE B 223 -13.81 3.36 25.59
CA PHE B 223 -14.15 4.80 25.58
C PHE B 223 -15.40 5.12 24.72
N PRO B 224 -16.55 4.51 25.02
CA PRO B 224 -17.73 4.74 24.18
C PRO B 224 -18.32 6.15 24.25
N LYS B 225 -17.90 6.97 25.21
CA LYS B 225 -18.36 8.36 25.24
C LYS B 225 -17.60 9.18 24.20
N ALA B 226 -16.41 8.69 23.84
CA ALA B 226 -15.58 9.35 22.83
C ALA B 226 -16.30 9.45 21.48
N GLU B 227 -16.28 10.64 20.88
CA GLU B 227 -16.81 10.79 19.52
C GLU B 227 -15.82 10.16 18.58
N PHE B 228 -16.28 9.84 17.38
CA PHE B 228 -15.43 9.14 16.41
C PHE B 228 -14.24 9.98 15.98
N ALA B 229 -14.44 11.29 15.86
CA ALA B 229 -13.32 12.20 15.63
C ALA B 229 -12.17 11.93 16.60
N GLU B 230 -12.50 11.54 17.84
CA GLU B 230 -11.50 11.38 18.90
C GLU B 230 -10.77 10.04 18.89
N VAL B 231 -11.52 8.97 18.63
CA VAL B 231 -10.94 7.63 18.62
C VAL B 231 -9.92 7.46 17.49
N SER B 232 -10.32 7.76 16.26
CA SER B 232 -9.42 7.61 15.11
C SER B 232 -8.08 8.28 15.37
N LYS B 233 -8.12 9.49 15.96
CA LYS B 233 -6.90 10.17 16.38
C LYS B 233 -6.14 9.32 17.39
N LEU B 234 -6.84 8.79 18.37
CA LEU B 234 -6.17 7.90 19.30
C LEU B 234 -5.59 6.73 18.53
N VAL B 235 -6.35 6.26 17.56
CA VAL B 235 -5.95 5.09 16.76
C VAL B 235 -4.84 5.46 15.79
N THR B 236 -4.87 6.66 15.22
CA THR B 236 -3.73 7.09 14.40
C THR B 236 -2.46 7.21 15.24
N ASP B 237 -2.56 7.78 16.42
CA ASP B 237 -1.35 7.99 17.25
C ASP B 237 -0.79 6.64 17.72
N LEU B 238 -1.62 5.85 18.39
CA LEU B 238 -1.22 4.50 18.87
C LEU B 238 -0.64 3.60 17.76
N THR B 239 -1.16 3.75 16.54
CA THR B 239 -0.63 3.05 15.37
C THR B 239 0.76 3.52 15.01
N LYS B 240 0.99 4.83 15.02
CA LYS B 240 2.34 5.35 14.77
C LYS B 240 3.33 4.84 15.81
N VAL B 241 2.85 4.69 17.04
CA VAL B 241 3.61 4.13 18.17
C VAL B 241 4.05 2.70 17.88
N HIS B 242 3.07 1.80 17.74
CA HIS B 242 3.37 0.39 17.58
C HIS B 242 4.10 0.04 16.29
N THR B 243 3.93 0.86 15.26
CA THR B 243 4.63 0.66 14.00
C THR B 243 6.14 0.80 14.18
N GLU B 244 6.53 1.90 14.81
CA GLU B 244 7.91 2.16 15.23
C GLU B 244 8.49 1.06 16.11
N CYS B 245 7.79 0.73 17.18
CA CYS B 245 8.25 -0.33 18.11
C CYS B 245 8.46 -1.68 17.40
N CYS B 246 7.53 -2.03 16.52
CA CYS B 246 7.65 -3.29 15.77
C CYS B 246 8.73 -3.19 14.69
N HIS B 247 8.93 -1.98 14.22
CA HIS B 247 9.93 -1.73 13.21
C HIS B 247 11.27 -1.27 13.79
N GLY B 248 11.50 -1.53 15.08
CA GLY B 248 12.82 -1.38 15.71
C GLY B 248 13.20 0.05 16.07
N ASP B 249 12.32 0.99 15.74
CA ASP B 249 12.54 2.41 16.00
C ASP B 249 12.14 2.68 17.46
N LEU B 250 12.86 2.10 18.41
CA LEU B 250 12.38 2.05 19.78
C LEU B 250 12.41 3.41 20.49
N LEU B 251 13.37 4.26 20.12
CA LEU B 251 13.52 5.58 20.75
C LEU B 251 12.35 6.50 20.46
N GLU B 252 11.77 6.40 19.28
CA GLU B 252 10.65 7.28 18.92
C GLU B 252 9.36 6.72 19.53
N CYS B 253 9.19 5.41 19.41
CA CYS B 253 8.07 4.69 20.05
C CYS B 253 7.86 5.21 21.47
N ALA B 254 8.86 5.04 22.33
CA ALA B 254 8.75 5.44 23.73
C ALA B 254 8.41 6.93 23.86
N ASP B 255 8.88 7.74 22.93
CA ASP B 255 8.55 9.16 22.94
C ASP B 255 7.11 9.40 22.55
N ASP B 256 6.70 8.80 21.43
CA ASP B 256 5.32 8.92 20.97
C ASP B 256 4.36 8.31 21.97
N ARG B 257 4.73 7.17 22.54
CA ARG B 257 3.91 6.58 23.58
C ARG B 257 3.75 7.51 24.78
N ALA B 258 4.82 8.23 25.13
CA ALA B 258 4.80 9.15 26.26
C ALA B 258 3.94 10.38 25.97
N ASP B 259 3.99 10.88 24.73
CA ASP B 259 3.18 12.03 24.30
C ASP B 259 1.70 11.66 24.17
N LEU B 260 1.44 10.44 23.69
CA LEU B 260 0.07 9.91 23.62
C LEU B 260 -0.57 10.01 24.99
N ALA B 261 0.10 9.42 25.99
CA ALA B 261 -0.37 9.44 27.37
C ALA B 261 -0.61 10.88 27.88
N LYS B 262 0.24 11.80 27.46
CA LYS B 262 0.03 13.22 27.75
C LYS B 262 -1.33 13.65 27.20
N TYR B 263 -1.58 13.30 25.94
CA TYR B 263 -2.83 13.70 25.28
C TYR B 263 -4.09 13.23 26.00
N ILE B 264 -4.11 11.96 26.43
CA ILE B 264 -5.29 11.32 27.05
C ILE B 264 -5.64 11.97 28.39
N CYS B 265 -4.62 12.17 29.21
CA CYS B 265 -4.76 12.76 30.54
C CYS B 265 -5.12 14.24 30.54
N GLU B 266 -4.97 14.89 29.39
CA GLU B 266 -5.41 16.26 29.18
C GLU B 266 -6.79 16.34 28.51
N ASN B 267 -7.12 15.35 27.68
CA ASN B 267 -8.44 15.26 27.03
C ASN B 267 -9.28 14.13 27.63
N GLN B 268 -9.30 14.06 28.95
CA GLN B 268 -10.08 13.05 29.67
C GLN B 268 -11.58 13.31 29.50
N ASP B 269 -11.97 14.58 29.63
CA ASP B 269 -13.39 14.95 29.54
C ASP B 269 -14.07 14.41 28.28
N SER B 270 -13.33 14.34 27.17
CA SER B 270 -13.86 13.85 25.89
C SER B 270 -13.50 12.40 25.56
N ILE B 271 -13.05 11.63 26.56
CA ILE B 271 -12.63 10.25 26.34
C ILE B 271 -13.28 9.28 27.34
N SER B 272 -13.05 9.51 28.63
CA SER B 272 -13.59 8.63 29.67
C SER B 272 -13.59 9.28 31.04
N SER B 273 -14.27 8.62 31.98
CA SER B 273 -14.29 9.04 33.38
C SER B 273 -13.47 8.10 34.25
N LYS B 274 -12.80 7.13 33.62
CA LYS B 274 -11.99 6.14 34.34
C LYS B 274 -10.51 6.52 34.43
N LEU B 275 -10.16 7.69 33.91
CA LEU B 275 -8.77 8.08 33.77
C LEU B 275 -8.24 8.89 34.96
N LYS B 276 -9.13 9.31 35.85
CA LYS B 276 -8.72 10.13 36.99
C LYS B 276 -7.58 9.53 37.81
N GLU B 277 -7.60 8.21 38.02
CA GLU B 277 -6.59 7.55 38.85
C GLU B 277 -5.30 7.17 38.11
N CYS B 278 -5.33 7.07 36.78
CA CYS B 278 -4.10 6.77 36.02
C CYS B 278 -3.23 7.99 35.79
N CYS B 279 -3.85 9.16 35.63
CA CYS B 279 -3.13 10.39 35.37
C CYS B 279 -2.62 11.12 36.61
N GLU B 280 -2.62 10.44 37.76
CA GLU B 280 -1.98 10.91 38.98
C GLU B 280 -0.66 10.19 39.20
N LYS B 281 -0.07 9.66 38.12
CA LYS B 281 1.08 8.78 38.21
C LYS B 281 2.26 9.22 37.34
N PRO B 282 3.48 8.73 37.66
CA PRO B 282 4.65 8.87 36.80
C PRO B 282 4.45 8.24 35.42
N LEU B 283 5.05 8.85 34.39
CA LEU B 283 4.79 8.45 33.01
C LEU B 283 4.67 6.95 32.85
N LEU B 284 5.75 6.21 33.14
CA LEU B 284 5.80 4.79 32.82
C LEU B 284 4.53 4.11 33.37
N GLU B 285 4.28 4.32 34.66
CA GLU B 285 3.06 3.87 35.34
C GLU B 285 1.82 4.31 34.58
N LYS B 286 1.78 5.60 34.29
CA LYS B 286 0.64 6.20 33.59
C LYS B 286 0.20 5.43 32.33
N SER B 287 1.15 5.02 31.49
CA SER B 287 0.83 4.25 30.27
C SER B 287 0.34 2.82 30.57
N HIS B 288 1.12 2.06 31.34
CA HIS B 288 0.71 0.73 31.76
C HIS B 288 -0.70 0.76 32.34
N CYS B 289 -0.95 1.79 33.15
CA CYS B 289 -2.24 1.99 33.80
C CYS B 289 -3.34 2.28 32.77
N ILE B 290 -3.07 3.27 31.91
CA ILE B 290 -4.04 3.76 30.91
C ILE B 290 -4.46 2.64 29.96
N ALA B 291 -3.51 1.79 29.58
CA ALA B 291 -3.81 0.62 28.75
C ALA B 291 -4.65 -0.47 29.45
N GLU B 292 -4.48 -0.61 30.77
CA GLU B 292 -5.21 -1.63 31.54
C GLU B 292 -6.42 -1.07 32.31
N VAL B 293 -6.90 0.10 31.91
CA VAL B 293 -8.07 0.71 32.53
C VAL B 293 -9.33 -0.04 32.10
N GLU B 294 -10.32 -0.08 32.97
CA GLU B 294 -11.55 -0.78 32.65
C GLU B 294 -12.47 0.12 31.83
N ASN B 295 -13.36 -0.52 31.10
CA ASN B 295 -14.22 0.15 30.14
C ASN B 295 -15.04 1.26 30.80
N ASP B 296 -15.39 2.28 30.01
CA ASP B 296 -16.24 3.36 30.51
C ASP B 296 -17.73 2.99 30.39
N GLU B 297 -18.55 3.73 31.12
CA GLU B 297 -19.99 3.57 31.03
C GLU B 297 -20.51 4.03 29.68
N MET B 298 -20.76 3.08 28.79
CA MET B 298 -21.44 3.32 27.51
C MET B 298 -22.63 4.27 27.70
N PRO B 299 -22.82 5.26 26.78
CA PRO B 299 -23.82 6.32 27.04
C PRO B 299 -25.29 5.89 26.97
N ALA B 300 -26.18 6.83 27.30
CA ALA B 300 -27.54 6.52 27.76
C ALA B 300 -28.45 5.78 26.78
N ASP B 301 -28.84 6.46 25.70
CA ASP B 301 -29.92 6.00 24.82
C ASP B 301 -29.48 6.04 23.37
N LEU B 302 -28.49 5.23 23.02
CA LEU B 302 -27.89 5.24 21.68
C LEU B 302 -28.83 4.66 20.64
N PRO B 303 -28.82 5.25 19.42
CA PRO B 303 -29.68 4.82 18.31
C PRO B 303 -29.31 3.47 17.70
N SER B 304 -30.19 2.95 16.85
CA SER B 304 -29.95 1.68 16.17
C SER B 304 -28.97 1.87 15.01
N LEU B 305 -28.14 0.86 14.79
CA LEU B 305 -27.13 0.90 13.73
C LEU B 305 -27.74 0.89 12.34
N ALA B 306 -28.86 0.20 12.21
CA ALA B 306 -29.53 0.05 10.93
C ALA B 306 -29.59 1.40 10.24
N ALA B 307 -30.19 2.37 10.92
CA ALA B 307 -30.37 3.73 10.40
C ALA B 307 -29.18 4.26 9.60
N ASP B 308 -27.99 4.14 10.18
CA ASP B 308 -26.74 4.59 9.54
C ASP B 308 -26.27 3.70 8.39
N PHE B 309 -26.39 2.39 8.59
CA PHE B 309 -25.64 1.40 7.81
C PHE B 309 -26.46 0.38 7.03
N VAL B 310 -27.78 0.48 7.09
CA VAL B 310 -28.66 -0.52 6.49
C VAL B 310 -29.86 0.11 5.78
N GLU B 311 -30.51 1.08 6.44
CA GLU B 311 -31.72 1.71 5.89
C GLU B 311 -31.46 3.01 5.14
N SER B 312 -30.46 3.79 5.58
CA SER B 312 -30.18 5.09 4.96
C SER B 312 -29.87 4.94 3.46
N LYS B 313 -30.28 5.94 2.68
CA LYS B 313 -30.09 5.92 1.23
C LYS B 313 -28.64 6.22 0.81
N ASP B 314 -27.87 6.83 1.72
CA ASP B 314 -26.50 7.25 1.43
C ASP B 314 -25.44 6.17 1.72
N VAL B 315 -25.85 5.03 2.26
CA VAL B 315 -24.91 3.95 2.60
C VAL B 315 -23.85 3.78 1.50
N CYS B 316 -24.28 3.74 0.24
CA CYS B 316 -23.37 3.59 -0.88
C CYS B 316 -22.49 4.80 -1.09
N LYS B 317 -23.10 5.98 -1.06
CA LYS B 317 -22.31 7.22 -1.18
C LYS B 317 -21.23 7.22 -0.10
N ASN B 318 -21.65 7.16 1.17
CA ASN B 318 -20.74 7.25 2.32
C ASN B 318 -19.52 6.34 2.21
N TYR B 319 -19.71 5.20 1.55
CA TYR B 319 -18.73 4.11 1.48
C TYR B 319 -17.81 4.18 0.25
N ALA B 320 -18.27 4.86 -0.81
CA ALA B 320 -17.45 5.01 -2.02
C ALA B 320 -16.52 6.22 -1.92
N GLU B 321 -17.04 7.33 -1.40
CA GLU B 321 -16.25 8.55 -1.16
C GLU B 321 -15.18 8.38 -0.07
N ALA B 322 -15.37 7.42 0.84
CA ALA B 322 -14.43 7.18 1.93
C ALA B 322 -14.67 5.84 2.62
N LYS B 323 -14.26 4.75 1.97
CA LYS B 323 -14.51 3.38 2.49
C LYS B 323 -13.87 3.15 3.86
N ASP B 324 -12.56 3.37 3.96
CA ASP B 324 -11.79 3.22 5.20
C ASP B 324 -12.50 3.83 6.39
N VAL B 325 -12.70 5.14 6.29
CA VAL B 325 -13.28 5.93 7.37
C VAL B 325 -14.68 5.44 7.75
N PHE B 326 -15.49 5.12 6.74
CA PHE B 326 -16.83 4.55 6.96
C PHE B 326 -16.76 3.19 7.68
N LEU B 327 -15.89 2.29 7.18
CA LEU B 327 -15.71 1.00 7.85
C LEU B 327 -15.24 1.18 9.28
N GLY B 328 -14.39 2.19 9.49
CA GLY B 328 -13.90 2.52 10.84
C GLY B 328 -14.99 3.11 11.70
N MET B 329 -15.90 3.85 11.05
CA MET B 329 -17.07 4.40 11.70
C MET B 329 -17.93 3.24 12.19
N PHE B 330 -18.29 2.35 11.27
CA PHE B 330 -19.00 1.11 11.60
C PHE B 330 -18.38 0.41 12.79
N LEU B 331 -17.06 0.29 12.79
CA LEU B 331 -16.36 -0.49 13.82
C LEU B 331 -16.51 0.19 15.18
N TYR B 332 -16.13 1.45 15.25
CA TYR B 332 -16.43 2.30 16.40
C TYR B 332 -17.90 2.15 16.86
N GLU B 333 -18.84 2.36 15.96
CA GLU B 333 -20.26 2.33 16.33
C GLU B 333 -20.70 1.00 16.90
N TYR B 334 -20.33 -0.08 16.22
CA TYR B 334 -20.70 -1.41 16.68
C TYR B 334 -20.04 -1.64 18.03
N ALA B 335 -18.72 -1.50 18.06
CA ALA B 335 -17.92 -1.73 19.27
C ALA B 335 -18.43 -1.01 20.53
N ARG B 336 -18.66 0.30 20.47
CA ARG B 336 -19.07 1.08 21.66
C ARG B 336 -20.39 0.60 22.28
N ARG B 337 -21.23 -0.05 21.48
CA ARG B 337 -22.47 -0.69 21.96
C ARG B 337 -22.27 -2.11 22.49
N HIS B 338 -21.08 -2.67 22.31
CA HIS B 338 -20.85 -4.08 22.60
C HIS B 338 -19.47 -4.31 23.22
N PRO B 339 -19.30 -4.03 24.53
CA PRO B 339 -18.08 -4.44 25.23
C PRO B 339 -18.02 -5.95 25.41
N ASP B 340 -19.21 -6.55 25.55
CA ASP B 340 -19.36 -7.99 25.75
C ASP B 340 -18.90 -8.86 24.58
N TYR B 341 -18.71 -8.27 23.40
CA TYR B 341 -18.23 -8.99 22.19
C TYR B 341 -16.69 -9.06 22.12
N SER B 342 -16.19 -10.14 21.54
CA SER B 342 -14.75 -10.31 21.36
C SER B 342 -14.39 -9.54 20.11
N VAL B 343 -13.19 -8.97 20.08
CA VAL B 343 -12.82 -8.05 18.99
C VAL B 343 -12.69 -8.76 17.67
N VAL B 344 -12.00 -9.90 17.65
CA VAL B 344 -11.94 -10.68 16.43
C VAL B 344 -13.35 -10.94 15.93
N LEU B 345 -14.28 -11.16 16.85
CA LEU B 345 -15.63 -11.41 16.41
C LEU B 345 -16.14 -10.17 15.69
N LEU B 346 -15.92 -9.00 16.29
CA LEU B 346 -16.28 -7.73 15.65
C LEU B 346 -15.64 -7.56 14.29
N LEU B 347 -14.34 -7.82 14.21
CA LEU B 347 -13.62 -7.76 12.95
C LEU B 347 -14.16 -8.70 11.87
N ARG B 348 -14.71 -9.86 12.24
CA ARG B 348 -15.34 -10.75 11.26
C ARG B 348 -16.55 -10.08 10.71
N LEU B 349 -17.40 -9.61 11.62
CA LEU B 349 -18.63 -8.88 11.28
C LEU B 349 -18.38 -7.72 10.31
N ALA B 350 -17.45 -6.85 10.66
CA ALA B 350 -17.17 -5.67 9.85
C ALA B 350 -16.67 -6.06 8.45
N LYS B 351 -15.96 -7.19 8.38
CA LYS B 351 -15.53 -7.73 7.09
C LYS B 351 -16.77 -8.21 6.32
N THR B 352 -17.65 -8.94 7.00
CA THR B 352 -18.90 -9.40 6.39
C THR B 352 -19.72 -8.21 5.86
N TYR B 353 -19.70 -7.10 6.59
CA TYR B 353 -20.43 -5.88 6.20
C TYR B 353 -19.80 -5.24 4.95
N GLU B 354 -18.51 -5.03 5.03
CA GLU B 354 -17.71 -4.54 3.90
C GLU B 354 -17.98 -5.32 2.62
N THR B 355 -17.92 -6.66 2.68
CA THR B 355 -18.02 -7.51 1.48
C THR B 355 -19.39 -7.38 0.85
N THR B 356 -20.42 -7.24 1.68
CA THR B 356 -21.77 -7.02 1.20
C THR B 356 -21.84 -5.73 0.39
N LEU B 357 -21.30 -4.66 0.98
CA LEU B 357 -21.36 -3.34 0.34
C LEU B 357 -20.60 -3.33 -0.99
N GLU B 358 -19.40 -3.88 -1.00
CA GLU B 358 -18.70 -4.11 -2.26
C GLU B 358 -19.62 -4.83 -3.24
N LYS B 359 -20.24 -5.90 -2.76
CA LYS B 359 -21.10 -6.75 -3.59
C LYS B 359 -22.39 -6.05 -4.04
N CYS B 360 -22.88 -5.11 -3.25
CA CYS B 360 -24.24 -4.57 -3.41
C CYS B 360 -24.36 -3.16 -4.01
N CYS B 361 -23.30 -2.35 -3.89
CA CYS B 361 -23.40 -0.91 -4.20
C CYS B 361 -23.35 -0.54 -5.68
N ALA B 362 -23.39 -1.53 -6.57
CA ALA B 362 -23.43 -1.30 -8.03
C ALA B 362 -24.52 -2.11 -8.71
N ALA B 363 -24.78 -3.32 -8.20
CA ALA B 363 -25.81 -4.19 -8.75
C ALA B 363 -27.19 -3.83 -8.20
N ALA B 364 -28.20 -4.38 -8.86
CA ALA B 364 -29.46 -3.66 -9.10
C ALA B 364 -29.96 -2.75 -7.99
N ASP B 365 -30.26 -3.33 -6.83
CA ASP B 365 -30.79 -2.55 -5.73
C ASP B 365 -29.85 -2.55 -4.52
N PRO B 366 -29.18 -1.41 -4.27
CA PRO B 366 -28.48 -1.20 -3.01
C PRO B 366 -29.33 -1.55 -1.79
N HIS B 367 -30.41 -0.81 -1.55
CA HIS B 367 -31.21 -0.98 -0.33
C HIS B 367 -31.64 -2.44 -0.16
N GLU B 368 -32.05 -3.05 -1.27
CA GLU B 368 -32.73 -4.36 -1.25
C GLU B 368 -31.82 -5.53 -0.93
N CYS B 369 -30.65 -5.58 -1.55
CA CYS B 369 -29.74 -6.73 -1.37
C CYS B 369 -28.89 -6.64 -0.12
N TYR B 370 -28.63 -5.42 0.38
CA TYR B 370 -27.96 -5.27 1.68
C TYR B 370 -28.93 -5.08 2.86
N ALA B 371 -30.23 -5.05 2.60
CA ALA B 371 -31.24 -4.92 3.67
C ALA B 371 -31.03 -5.90 4.83
N LYS B 372 -30.53 -7.09 4.54
CA LYS B 372 -30.43 -8.18 5.53
C LYS B 372 -28.99 -8.57 5.93
N VAL B 373 -28.06 -7.62 5.91
CA VAL B 373 -26.66 -7.87 6.32
C VAL B 373 -26.61 -8.33 7.77
N PHE B 374 -27.49 -7.74 8.55
CA PHE B 374 -27.63 -8.01 9.97
C PHE B 374 -28.16 -9.42 10.19
N ASP B 375 -29.11 -9.86 9.36
CA ASP B 375 -29.55 -11.26 9.38
C ASP B 375 -28.40 -12.25 9.13
N GLU B 376 -27.21 -11.72 8.79
CA GLU B 376 -26.01 -12.54 8.56
C GLU B 376 -24.95 -12.46 9.66
N PHE B 377 -25.10 -11.54 10.61
CA PHE B 377 -24.17 -11.41 11.72
C PHE B 377 -24.40 -12.52 12.75
N LYS B 378 -25.60 -13.08 12.77
CA LYS B 378 -26.03 -13.96 13.88
C LYS B 378 -25.29 -15.30 14.00
N PRO B 379 -24.92 -15.94 12.86
CA PRO B 379 -24.15 -17.19 12.94
C PRO B 379 -22.67 -16.96 13.26
N LEU B 380 -22.10 -15.86 12.78
CA LEU B 380 -20.76 -15.44 13.19
C LEU B 380 -20.65 -15.28 14.71
N VAL B 381 -21.73 -14.78 15.32
CA VAL B 381 -21.80 -14.59 16.78
C VAL B 381 -21.81 -15.91 17.57
N GLU B 382 -22.42 -16.95 17.01
CA GLU B 382 -22.86 -18.10 17.82
C GLU B 382 -22.13 -19.40 17.55
N GLU B 383 -21.16 -19.39 16.64
CA GLU B 383 -20.25 -20.53 16.47
C GLU B 383 -19.31 -20.64 17.68
N PRO B 384 -18.69 -19.51 18.10
CA PRO B 384 -17.87 -19.56 19.30
C PRO B 384 -18.69 -19.88 20.54
N GLN B 385 -19.73 -19.09 20.82
CA GLN B 385 -20.57 -19.28 22.01
C GLN B 385 -20.82 -20.76 22.28
N ASN B 386 -21.31 -21.46 21.26
CA ASN B 386 -21.52 -22.91 21.34
C ASN B 386 -20.24 -23.69 21.70
N LEU B 387 -19.15 -23.35 21.04
CA LEU B 387 -17.90 -24.08 21.15
C LEU B 387 -17.19 -23.83 22.50
N ILE B 388 -17.04 -22.56 22.86
CA ILE B 388 -16.42 -22.12 24.13
C ILE B 388 -17.15 -22.71 25.33
N LYS B 389 -18.47 -22.85 25.22
CA LYS B 389 -19.24 -23.53 26.26
C LYS B 389 -18.79 -24.98 26.31
N GLN B 390 -18.68 -25.60 25.13
CA GLN B 390 -18.33 -27.01 25.01
C GLN B 390 -16.91 -27.32 25.52
N ASN B 391 -16.00 -26.37 25.36
CA ASN B 391 -14.61 -26.53 25.84
C ASN B 391 -14.36 -26.07 27.28
N CYS B 392 -15.38 -25.49 27.92
CA CYS B 392 -15.28 -25.02 29.31
C CYS B 392 -15.77 -26.07 30.30
N GLU B 393 -17.01 -26.52 30.14
CA GLU B 393 -17.53 -27.58 31.01
C GLU B 393 -16.70 -28.86 30.84
N LEU B 394 -16.00 -28.97 29.70
CA LEU B 394 -14.97 -30.01 29.52
C LEU B 394 -13.76 -29.72 30.42
N PHE B 395 -13.31 -28.47 30.42
CA PHE B 395 -12.20 -28.03 31.28
C PHE B 395 -12.56 -28.23 32.74
N GLU B 396 -13.67 -27.60 33.15
CA GLU B 396 -14.23 -27.79 34.47
C GLU B 396 -14.84 -29.19 34.65
N GLN B 397 -14.37 -30.14 33.84
CA GLN B 397 -14.60 -31.55 34.05
C GLN B 397 -13.27 -32.29 33.87
N LEU B 398 -12.17 -31.64 34.22
CA LEU B 398 -10.82 -32.16 33.91
C LEU B 398 -9.67 -31.53 34.69
N GLY B 399 -9.66 -30.21 34.80
CA GLY B 399 -8.55 -29.48 35.44
C GLY B 399 -7.60 -28.95 34.40
N GLU B 400 -6.64 -28.12 34.81
CA GLU B 400 -5.80 -27.43 33.83
C GLU B 400 -4.78 -28.37 33.18
N TYR B 401 -4.18 -29.25 33.98
CA TYR B 401 -3.16 -30.17 33.48
C TYR B 401 -3.76 -31.28 32.61
N LYS B 402 -4.89 -31.82 33.05
CA LYS B 402 -5.52 -32.91 32.30
C LYS B 402 -6.15 -32.36 31.04
N PHE B 403 -6.70 -31.15 31.13
CA PHE B 403 -7.28 -30.45 29.98
C PHE B 403 -6.21 -30.05 28.95
N GLN B 404 -5.01 -29.69 29.42
CA GLN B 404 -3.86 -29.47 28.51
C GLN B 404 -3.60 -30.76 27.69
N ASN B 405 -3.32 -31.84 28.40
CA ASN B 405 -3.02 -33.13 27.75
C ASN B 405 -4.01 -33.49 26.65
N ALA B 406 -5.30 -33.36 26.95
CA ALA B 406 -6.36 -33.64 25.98
C ALA B 406 -6.20 -32.81 24.69
N LEU B 407 -5.69 -31.58 24.84
CA LEU B 407 -5.43 -30.71 23.69
C LEU B 407 -4.14 -31.10 22.95
N LEU B 408 -3.13 -31.57 23.68
CA LEU B 408 -1.93 -32.07 23.02
C LEU B 408 -2.35 -33.18 22.06
N VAL B 409 -3.26 -34.04 22.51
CA VAL B 409 -3.79 -35.12 21.69
C VAL B 409 -4.59 -34.55 20.52
N ARG B 410 -5.66 -33.84 20.84
CA ARG B 410 -6.47 -33.17 19.81
C ARG B 410 -5.58 -32.50 18.77
N TYR B 411 -4.65 -31.67 19.24
CA TYR B 411 -3.81 -30.85 18.34
C TYR B 411 -2.70 -31.60 17.63
N THR B 412 -2.02 -32.51 18.33
CA THR B 412 -0.95 -33.31 17.73
C THR B 412 -1.47 -34.13 16.56
N LYS B 413 -2.67 -34.68 16.74
CA LYS B 413 -3.31 -35.50 15.71
C LYS B 413 -3.75 -34.71 14.48
N LYS B 414 -4.04 -33.43 14.69
CA LYS B 414 -4.44 -32.49 13.62
C LYS B 414 -3.27 -31.99 12.76
N VAL B 415 -2.10 -31.81 13.37
CA VAL B 415 -0.90 -31.35 12.66
C VAL B 415 0.36 -32.02 13.22
N PRO B 416 0.50 -33.36 13.04
CA PRO B 416 1.61 -34.16 13.58
C PRO B 416 3.00 -33.73 13.11
N GLN B 417 3.06 -32.88 12.08
CA GLN B 417 4.31 -32.37 11.55
C GLN B 417 5.01 -31.46 12.56
N VAL B 418 4.21 -30.68 13.28
CA VAL B 418 4.74 -29.55 14.06
C VAL B 418 5.67 -30.04 15.15
N SER B 419 6.66 -29.21 15.47
CA SER B 419 7.68 -29.54 16.47
C SER B 419 7.04 -29.95 17.79
N THR B 420 7.64 -30.91 18.48
CA THR B 420 7.17 -31.28 19.83
C THR B 420 7.23 -30.10 20.81
N PRO B 421 8.42 -29.50 21.01
CA PRO B 421 8.48 -28.28 21.82
C PRO B 421 7.38 -27.29 21.51
N THR B 422 7.06 -27.15 20.23
CA THR B 422 6.10 -26.17 19.80
C THR B 422 4.71 -26.62 20.23
N LEU B 423 4.35 -27.86 19.92
CA LEU B 423 3.07 -28.41 20.38
C LEU B 423 2.93 -28.35 21.90
N VAL B 424 4.02 -28.63 22.61
CA VAL B 424 4.00 -28.52 24.07
C VAL B 424 3.89 -27.05 24.51
N GLU B 425 4.56 -26.15 23.79
CA GLU B 425 4.49 -24.73 24.10
C GLU B 425 3.10 -24.19 23.86
N VAL B 426 2.51 -24.56 22.72
CA VAL B 426 1.27 -23.95 22.27
C VAL B 426 0.08 -24.55 23.01
N SER B 427 0.08 -25.86 23.18
CA SER B 427 -1.05 -26.53 23.81
C SER B 427 -1.23 -26.05 25.24
N ARG B 428 -0.12 -25.87 25.94
CA ARG B 428 -0.15 -25.43 27.32
C ARG B 428 -0.79 -24.05 27.44
N ASN B 429 -0.38 -23.15 26.55
CA ASN B 429 -0.97 -21.82 26.48
C ASN B 429 -2.46 -21.82 26.08
N LEU B 430 -2.88 -22.76 25.24
CA LEU B 430 -4.31 -22.89 24.87
C LEU B 430 -5.14 -23.34 26.05
N GLY B 431 -4.70 -24.40 26.72
CA GLY B 431 -5.33 -24.93 27.94
C GLY B 431 -5.33 -23.94 29.10
N LYS B 432 -4.39 -23.00 29.07
CA LYS B 432 -4.41 -21.83 29.97
C LYS B 432 -5.53 -20.84 29.64
N VAL B 433 -6.40 -21.15 28.68
CA VAL B 433 -7.61 -20.35 28.43
C VAL B 433 -8.70 -20.78 29.40
N GLY B 434 -8.83 -22.09 29.57
CA GLY B 434 -9.83 -22.67 30.45
C GLY B 434 -9.82 -22.04 31.84
N SER B 435 -8.63 -21.96 32.43
CA SER B 435 -8.45 -21.42 33.77
C SER B 435 -8.79 -19.92 33.88
N LYS B 436 -8.55 -19.20 32.79
CA LYS B 436 -8.68 -17.74 32.74
C LYS B 436 -10.05 -17.29 32.22
N CYS B 437 -10.71 -18.12 31.42
CA CYS B 437 -11.99 -17.76 30.80
C CYS B 437 -13.16 -18.58 31.28
N CYS B 438 -12.94 -19.84 31.64
CA CYS B 438 -13.99 -20.56 32.37
C CYS B 438 -13.93 -20.14 33.84
N LYS B 439 -14.13 -18.84 34.07
CA LYS B 439 -14.43 -18.26 35.38
C LYS B 439 -15.77 -17.52 35.32
N HIS B 440 -15.93 -16.72 34.26
CA HIS B 440 -17.04 -15.77 34.12
C HIS B 440 -18.40 -16.45 33.85
N PRO B 441 -19.49 -15.68 33.70
CA PRO B 441 -20.66 -16.23 33.03
C PRO B 441 -20.49 -16.21 31.52
N GLU B 442 -21.48 -16.72 30.79
CA GLU B 442 -21.42 -16.82 29.33
C GLU B 442 -21.03 -15.52 28.63
N ALA B 443 -21.77 -14.44 28.91
CA ALA B 443 -21.59 -13.15 28.20
C ALA B 443 -20.19 -12.54 28.29
N LYS B 444 -19.26 -13.25 28.94
CA LYS B 444 -17.87 -12.81 29.05
C LYS B 444 -16.83 -13.89 28.72
N ARG B 445 -17.26 -15.15 28.61
CA ARG B 445 -16.36 -16.25 28.28
C ARG B 445 -15.84 -16.17 26.85
N MET B 446 -16.68 -15.75 25.92
CA MET B 446 -16.30 -15.75 24.51
C MET B 446 -15.23 -14.70 24.18
N PRO B 447 -15.42 -13.44 24.63
CA PRO B 447 -14.38 -12.43 24.39
C PRO B 447 -13.09 -12.70 25.15
N CYS B 448 -13.23 -13.35 26.29
CA CYS B 448 -12.07 -13.79 27.03
C CYS B 448 -11.37 -14.82 26.19
N ALA B 449 -12.06 -15.93 25.93
CA ALA B 449 -11.48 -17.08 25.24
C ALA B 449 -10.94 -16.72 23.86
N GLU B 450 -11.78 -16.06 23.07
CA GLU B 450 -11.47 -15.82 21.66
C GLU B 450 -10.31 -14.85 21.42
N ASP B 451 -10.17 -13.83 22.27
CA ASP B 451 -9.07 -12.86 22.14
C ASP B 451 -7.75 -13.40 22.65
N TYR B 452 -7.80 -14.17 23.73
CA TYR B 452 -6.65 -14.93 24.20
C TYR B 452 -6.26 -16.03 23.22
N LEU B 453 -7.21 -16.56 22.47
CA LEU B 453 -6.91 -17.58 21.46
C LEU B 453 -6.21 -16.95 20.23
N SER B 454 -6.51 -15.67 19.95
CA SER B 454 -5.77 -14.90 18.92
C SER B 454 -4.29 -14.84 19.23
N VAL B 455 -3.98 -14.42 20.46
CA VAL B 455 -2.61 -14.27 20.94
C VAL B 455 -1.81 -15.58 20.89
N VAL B 456 -2.38 -16.62 21.48
CA VAL B 456 -1.71 -17.91 21.62
C VAL B 456 -1.40 -18.54 20.26
N LEU B 457 -2.41 -18.59 19.38
CA LEU B 457 -2.25 -19.16 18.03
C LEU B 457 -1.31 -18.35 17.14
N ASN B 458 -1.10 -17.08 17.46
CA ASN B 458 -0.09 -16.27 16.78
C ASN B 458 1.31 -16.68 17.12
N GLN B 459 1.53 -17.10 18.35
CA GLN B 459 2.85 -17.60 18.74
CA GLN B 459 2.84 -17.62 18.76
C GLN B 459 3.16 -18.85 17.93
N LEU B 460 2.18 -19.77 17.87
CA LEU B 460 2.29 -20.99 17.08
C LEU B 460 2.61 -20.65 15.64
N CYS B 461 1.92 -19.66 15.11
CA CYS B 461 2.16 -19.19 13.76
C CYS B 461 3.62 -18.83 13.58
N VAL B 462 4.05 -17.82 14.33
CA VAL B 462 5.42 -17.30 14.20
C VAL B 462 6.51 -18.31 14.57
N LEU B 463 6.27 -19.20 15.54
CA LEU B 463 7.26 -20.27 15.86
C LEU B 463 7.41 -21.28 14.72
N HIS B 464 6.33 -21.46 13.96
CA HIS B 464 6.30 -22.35 12.79
C HIS B 464 6.91 -21.68 11.56
N GLU B 465 6.64 -20.38 11.41
CA GLU B 465 7.20 -19.54 10.36
C GLU B 465 8.74 -19.63 10.34
N LYS B 466 9.31 -19.80 11.52
CA LYS B 466 10.74 -20.13 11.69
C LYS B 466 11.16 -21.26 10.75
N THR B 467 10.50 -22.41 10.86
CA THR B 467 10.81 -23.59 10.06
C THR B 467 9.56 -24.39 9.72
N PRO B 468 8.90 -24.12 8.58
CA PRO B 468 7.63 -24.79 8.27
C PRO B 468 7.74 -26.31 8.08
N VAL B 469 6.65 -27.01 8.37
CA VAL B 469 6.59 -28.48 8.26
C VAL B 469 5.24 -29.05 7.78
N SER B 470 4.14 -28.31 7.96
CA SER B 470 2.84 -28.71 7.37
C SER B 470 2.16 -27.51 6.73
N ASP B 471 1.62 -27.72 5.53
CA ASP B 471 0.95 -26.67 4.77
C ASP B 471 -0.29 -26.13 5.48
N ARG B 472 -1.02 -27.00 6.20
CA ARG B 472 -2.24 -26.59 6.89
C ARG B 472 -1.97 -25.40 7.83
N VAL B 473 -0.87 -25.49 8.56
CA VAL B 473 -0.52 -24.46 9.51
C VAL B 473 -0.10 -23.20 8.75
N THR B 474 0.66 -23.38 7.67
CA THR B 474 1.06 -22.26 6.78
C THR B 474 -0.16 -21.57 6.18
N LYS B 475 -1.14 -22.36 5.76
CA LYS B 475 -2.38 -21.86 5.19
C LYS B 475 -3.15 -21.03 6.22
N CYS B 476 -3.44 -21.66 7.37
CA CYS B 476 -4.25 -21.03 8.41
C CYS B 476 -3.63 -19.75 8.97
N CYS B 477 -2.29 -19.64 8.95
CA CYS B 477 -1.59 -18.44 9.46
C CYS B 477 -1.44 -17.28 8.45
N THR B 478 -1.67 -17.58 7.18
CA THR B 478 -1.47 -16.61 6.10
C THR B 478 -2.76 -16.01 5.56
N GLU B 479 -3.86 -16.74 5.72
CA GLU B 479 -5.09 -16.47 4.99
C GLU B 479 -5.84 -15.23 5.47
N SER B 480 -5.98 -15.08 6.79
CA SER B 480 -6.69 -13.95 7.39
C SER B 480 -6.60 -14.04 8.90
N LEU B 481 -5.62 -13.32 9.44
CA LEU B 481 -5.43 -13.14 10.90
C LEU B 481 -6.70 -13.39 11.71
N VAL B 482 -7.71 -12.57 11.48
CA VAL B 482 -8.96 -12.68 12.22
C VAL B 482 -9.43 -14.13 12.23
N ASN B 483 -9.65 -14.70 11.05
CA ASN B 483 -10.21 -16.06 10.93
C ASN B 483 -9.28 -17.22 11.34
N ARG B 484 -8.14 -16.91 11.93
CA ARG B 484 -7.14 -17.93 12.26
C ARG B 484 -7.73 -19.12 13.03
N ARG B 485 -8.54 -18.83 14.04
CA ARG B 485 -9.01 -19.84 14.98
C ARG B 485 -10.06 -20.82 14.39
N PRO B 486 -11.13 -20.32 13.76
CA PRO B 486 -12.04 -21.24 13.08
C PRO B 486 -11.38 -22.06 11.97
N CYS B 487 -10.32 -21.51 11.38
CA CYS B 487 -9.53 -22.24 10.39
C CYS B 487 -8.83 -23.41 11.05
N PHE B 488 -8.35 -23.21 12.27
CA PHE B 488 -7.71 -24.27 13.06
C PHE B 488 -8.75 -25.25 13.56
N SER B 489 -9.83 -24.73 14.15
CA SER B 489 -10.94 -25.56 14.65
C SER B 489 -11.53 -26.47 13.56
N ALA B 490 -11.69 -25.94 12.36
CA ALA B 490 -12.26 -26.69 11.24
C ALA B 490 -11.24 -27.65 10.60
N LEU B 491 -9.99 -27.62 11.05
CA LEU B 491 -9.06 -28.67 10.71
C LEU B 491 -9.50 -29.88 11.48
N GLU B 492 -9.11 -31.06 11.01
CA GLU B 492 -9.25 -32.25 11.82
C GLU B 492 -8.07 -33.18 11.52
N VAL B 493 -8.22 -34.47 11.81
CA VAL B 493 -7.08 -35.40 11.86
C VAL B 493 -6.30 -35.49 10.55
N ASP B 494 -4.99 -35.57 10.66
CA ASP B 494 -4.11 -35.69 9.50
C ASP B 494 -3.88 -37.16 9.16
N GLU B 495 -3.67 -37.42 7.87
CA GLU B 495 -3.66 -38.80 7.35
C GLU B 495 -2.36 -39.18 6.66
N THR B 496 -1.94 -38.40 5.66
CA THR B 496 -0.67 -38.63 4.96
C THR B 496 0.47 -38.94 5.94
N TYR B 497 0.45 -38.27 7.08
CA TYR B 497 1.46 -38.45 8.13
C TYR B 497 1.67 -39.93 8.46
N VAL B 498 2.76 -40.48 7.92
CA VAL B 498 3.15 -41.86 8.23
C VAL B 498 3.60 -41.90 9.69
N PRO B 499 3.22 -42.96 10.44
CA PRO B 499 3.54 -43.05 11.87
C PRO B 499 5.02 -42.96 12.22
N LYS B 500 5.32 -43.02 13.51
CA LYS B 500 6.70 -42.96 14.00
C LYS B 500 6.97 -44.20 14.86
N GLU B 501 8.11 -44.86 14.60
CA GLU B 501 8.42 -46.17 15.18
C GLU B 501 8.38 -46.17 16.73
N PHE B 502 9.55 -46.26 17.37
CA PHE B 502 9.63 -46.30 18.83
C PHE B 502 11.07 -46.10 19.25
N ASN B 503 11.27 -45.30 20.30
CA ASN B 503 12.60 -44.93 20.76
C ASN B 503 12.84 -45.25 22.23
N ALA B 504 14.12 -45.28 22.61
CA ALA B 504 14.54 -45.64 23.96
C ALA B 504 14.81 -44.41 24.83
N GLU B 505 15.87 -43.68 24.48
CA GLU B 505 16.29 -42.49 25.21
C GLU B 505 15.24 -41.38 25.18
N THR B 506 14.42 -41.40 24.12
CA THR B 506 13.35 -40.42 23.94
C THR B 506 12.29 -40.47 25.04
N PHE B 507 11.85 -41.68 25.40
CA PHE B 507 10.80 -41.85 26.42
C PHE B 507 11.33 -42.13 27.84
N THR B 508 12.62 -42.45 27.96
CA THR B 508 13.22 -42.70 29.27
C THR B 508 13.78 -41.41 29.88
N PHE B 509 13.48 -41.20 31.16
CA PHE B 509 13.94 -40.03 31.92
C PHE B 509 15.01 -40.44 32.92
N HIS B 510 15.99 -39.58 33.14
CA HIS B 510 17.05 -39.85 34.11
C HIS B 510 16.62 -39.39 35.51
N ALA B 511 17.51 -39.56 36.48
CA ALA B 511 17.29 -39.09 37.85
C ALA B 511 17.32 -37.56 37.94
N ASP B 512 17.85 -36.94 36.89
CA ASP B 512 17.82 -35.48 36.71
C ASP B 512 16.44 -34.88 36.94
N ILE B 513 15.41 -35.64 36.55
CA ILE B 513 14.04 -35.17 36.58
C ILE B 513 13.52 -34.93 38.00
N CYS B 514 14.00 -35.71 38.98
CA CYS B 514 13.59 -35.56 40.38
C CYS B 514 13.94 -34.20 40.98
N THR B 515 15.06 -33.61 40.56
CA THR B 515 15.55 -32.36 41.13
C THR B 515 14.94 -31.09 40.51
N LEU B 516 13.98 -31.26 39.59
CA LEU B 516 13.38 -30.15 38.84
C LEU B 516 11.97 -29.78 39.28
N SER B 517 11.48 -28.64 38.80
CA SER B 517 10.17 -28.14 39.20
C SER B 517 9.07 -29.07 38.71
N GLU B 518 7.86 -28.83 39.18
CA GLU B 518 6.74 -29.65 38.74
C GLU B 518 6.36 -29.26 37.32
N LYS B 519 6.49 -27.98 36.99
CA LYS B 519 6.29 -27.51 35.61
C LYS B 519 7.30 -28.18 34.69
N GLU B 520 8.58 -28.08 35.06
CA GLU B 520 9.62 -28.78 34.31
C GLU B 520 9.30 -30.27 34.15
N ARG B 521 8.67 -30.85 35.16
CA ARG B 521 8.32 -32.27 35.16
C ARG B 521 7.09 -32.58 34.30
N GLN B 522 6.07 -31.74 34.37
CA GLN B 522 4.87 -31.87 33.54
C GLN B 522 5.21 -31.71 32.06
N ILE B 523 6.09 -30.74 31.76
CA ILE B 523 6.55 -30.49 30.39
C ILE B 523 7.27 -31.71 29.85
N LYS B 524 8.21 -32.25 30.63
CA LYS B 524 8.89 -33.51 30.32
C LYS B 524 7.87 -34.63 30.10
N LYS B 525 6.89 -34.71 31.01
CA LYS B 525 5.81 -35.70 30.93
C LYS B 525 4.95 -35.51 29.69
N GLN B 526 4.79 -34.27 29.27
CA GLN B 526 3.94 -33.91 28.14
C GLN B 526 4.70 -34.00 26.81
N THR B 527 5.99 -33.71 26.86
CA THR B 527 6.87 -33.89 25.71
C THR B 527 6.76 -35.33 25.23
N ALA B 528 6.76 -36.24 26.20
CA ALA B 528 6.58 -37.68 25.96
C ALA B 528 5.18 -38.08 25.49
N LEU B 529 4.14 -37.33 25.89
CA LEU B 529 2.78 -37.60 25.39
C LEU B 529 2.67 -37.29 23.90
N VAL B 530 3.21 -36.14 23.50
CA VAL B 530 3.25 -35.77 22.09
C VAL B 530 4.00 -36.85 21.33
N GLU B 531 5.14 -37.25 21.84
CA GLU B 531 5.96 -38.28 21.21
C GLU B 531 5.25 -39.66 21.14
N LEU B 532 4.32 -39.92 22.05
CA LEU B 532 3.52 -41.16 22.00
C LEU B 532 2.44 -41.13 20.91
N VAL B 533 1.79 -39.99 20.74
CA VAL B 533 0.80 -39.80 19.67
C VAL B 533 1.51 -39.72 18.30
N LYS B 534 2.64 -39.01 18.24
CA LYS B 534 3.48 -38.99 17.04
C LYS B 534 3.78 -40.42 16.61
N HIS B 535 4.08 -41.26 17.59
CA HIS B 535 4.34 -42.68 17.37
C HIS B 535 3.11 -43.44 16.87
N LYS B 536 2.14 -43.62 17.76
CA LYS B 536 0.88 -44.29 17.43
C LYS B 536 -0.20 -43.22 17.23
N PRO B 537 -0.61 -42.95 15.99
CA PRO B 537 -1.37 -41.72 15.75
C PRO B 537 -2.88 -41.83 15.95
N LYS B 538 -3.54 -42.64 15.14
CA LYS B 538 -5.00 -42.67 15.07
C LYS B 538 -5.57 -43.46 16.24
N ALA B 539 -5.14 -44.72 16.34
CA ALA B 539 -5.54 -45.57 17.45
C ALA B 539 -4.92 -45.03 18.73
N THR B 540 -5.67 -44.16 19.38
CA THR B 540 -5.21 -43.44 20.56
C THR B 540 -6.41 -42.86 21.26
N LYS B 541 -6.72 -43.40 22.43
CA LYS B 541 -7.98 -43.16 23.12
C LYS B 541 -7.70 -42.72 24.56
N GLU B 542 -8.60 -43.07 25.47
CA GLU B 542 -8.34 -43.04 26.92
C GLU B 542 -7.16 -43.93 27.32
N GLN B 543 -6.83 -44.92 26.50
CA GLN B 543 -5.64 -45.76 26.72
C GLN B 543 -4.36 -44.92 26.90
N LEU B 544 -4.28 -43.79 26.19
CA LEU B 544 -3.19 -42.84 26.36
C LEU B 544 -3.04 -42.31 27.80
N LYS B 545 -4.17 -42.16 28.50
CA LYS B 545 -4.16 -41.75 29.91
C LYS B 545 -3.54 -42.85 30.78
N ALA B 546 -4.01 -44.08 30.60
CA ALA B 546 -3.49 -45.23 31.33
C ALA B 546 -1.99 -45.44 31.07
N VAL B 547 -1.56 -45.15 29.85
CA VAL B 547 -0.13 -45.17 29.48
C VAL B 547 0.61 -44.00 30.10
N MET B 548 -0.03 -42.83 30.11
CA MET B 548 0.54 -41.63 30.71
C MET B 548 0.72 -41.75 32.22
N ASP B 549 -0.20 -42.44 32.87
CA ASP B 549 -0.13 -42.69 34.32
C ASP B 549 1.01 -43.64 34.69
N ASP B 550 1.42 -44.50 33.76
CA ASP B 550 2.57 -45.36 33.97
C ASP B 550 3.81 -44.50 34.17
N PHE B 551 4.00 -43.53 33.28
CA PHE B 551 5.14 -42.61 33.36
C PHE B 551 5.06 -41.73 34.60
N ALA B 552 3.84 -41.41 35.03
CA ALA B 552 3.62 -40.59 36.23
C ALA B 552 3.97 -41.32 37.52
N ALA B 553 3.27 -42.42 37.79
CA ALA B 553 3.47 -43.19 39.02
C ALA B 553 4.87 -43.82 39.09
N PHE B 554 5.43 -44.15 37.93
CA PHE B 554 6.79 -44.70 37.80
C PHE B 554 7.89 -43.72 38.25
N VAL B 555 7.63 -42.42 38.12
CA VAL B 555 8.60 -41.39 38.49
C VAL B 555 8.60 -41.15 39.99
N GLU B 556 7.43 -40.85 40.55
CA GLU B 556 7.27 -40.73 42.01
C GLU B 556 7.50 -42.08 42.72
N LYS B 557 7.43 -43.17 41.96
CA LYS B 557 7.91 -44.48 42.41
C LYS B 557 9.44 -44.49 42.56
N CYS B 558 10.12 -43.67 41.76
CA CYS B 558 11.57 -43.54 41.82
C CYS B 558 12.07 -42.26 42.53
N CYS B 559 11.28 -41.19 42.50
CA CYS B 559 11.67 -39.90 43.14
C CYS B 559 11.51 -39.91 44.66
N LYS B 560 10.74 -40.86 45.19
CA LYS B 560 10.52 -41.01 46.63
C LYS B 560 11.07 -42.34 47.18
N ALA B 561 11.76 -43.09 46.31
CA ALA B 561 12.33 -44.38 46.69
C ALA B 561 13.56 -44.21 47.57
N ASP B 562 14.51 -43.41 47.09
CA ASP B 562 15.86 -43.31 47.67
C ASP B 562 16.54 -44.69 47.65
N ASP B 563 16.19 -45.48 46.63
CA ASP B 563 16.71 -46.83 46.46
C ASP B 563 17.92 -46.81 45.52
N LYS B 564 18.18 -47.92 44.83
CA LYS B 564 19.38 -48.07 44.00
C LYS B 564 19.33 -47.32 42.65
N GLU B 565 18.41 -46.35 42.51
CA GLU B 565 18.29 -45.52 41.27
C GLU B 565 18.18 -46.36 39.98
N THR B 566 17.81 -47.62 40.15
CA THR B 566 17.81 -48.60 39.06
C THR B 566 16.49 -48.58 38.32
N CYS B 567 15.41 -48.24 39.01
CA CYS B 567 14.07 -48.25 38.41
C CYS B 567 13.99 -47.25 37.25
N PHE B 568 14.56 -46.06 37.43
CA PHE B 568 14.71 -45.14 36.31
C PHE B 568 15.35 -45.89 35.13
N ALA B 569 16.44 -46.61 35.40
CA ALA B 569 17.16 -47.37 34.37
C ALA B 569 16.44 -48.67 33.97
N GLU B 570 16.64 -49.75 34.72
CA GLU B 570 16.14 -51.09 34.35
C GLU B 570 14.60 -51.18 34.20
N GLU B 571 13.87 -50.32 34.90
CA GLU B 571 12.41 -50.18 34.72
C GLU B 571 12.06 -48.94 33.88
N GLY B 572 13.07 -48.38 33.21
CA GLY B 572 12.87 -47.40 32.15
C GLY B 572 12.64 -48.12 30.83
N LYS B 573 13.24 -49.30 30.69
CA LYS B 573 13.03 -50.15 29.51
C LYS B 573 11.76 -51.00 29.64
N LYS B 574 11.58 -51.63 30.80
CA LYS B 574 10.46 -52.57 31.02
C LYS B 574 9.09 -51.98 30.65
N LEU B 575 8.90 -50.68 30.88
CA LEU B 575 7.63 -50.01 30.62
C LEU B 575 7.31 -49.88 29.14
N VAL B 576 8.34 -49.58 28.33
CA VAL B 576 8.14 -49.24 26.91
C VAL B 576 7.64 -50.43 26.08
N ALA B 577 8.17 -51.61 26.35
CA ALA B 577 7.73 -52.83 25.68
C ALA B 577 6.24 -53.04 25.91
N ALA B 578 5.82 -52.83 27.16
CA ALA B 578 4.42 -52.97 27.57
C ALA B 578 3.54 -51.85 26.99
N SER B 579 4.13 -50.67 26.80
CA SER B 579 3.36 -49.49 26.39
C SER B 579 2.78 -49.59 24.98
N GLN B 580 3.54 -50.21 24.06
CA GLN B 580 3.10 -50.35 22.66
C GLN B 580 1.86 -51.26 22.50
N ALA B 581 1.65 -52.15 23.46
CA ALA B 581 0.47 -53.02 23.48
C ALA B 581 -0.79 -52.20 23.73
N ALA B 582 -0.76 -51.43 24.81
CA ALA B 582 -1.87 -50.54 25.17
C ALA B 582 -2.00 -49.37 24.20
C1 IMX C . -7.59 0.96 -27.53
C2 IMX C . -9.27 5.56 -24.05
C3 IMX C . -9.62 4.39 -23.42
C4 IMX C . -9.40 6.80 -23.47
C5 IMX C . -10.15 4.42 -22.14
C6 IMX C . -9.92 6.82 -22.19
C7 IMX C . -10.30 5.65 -21.51
N8 IMX C . -9.38 3.35 -24.25
C9 IMX C . -8.89 3.85 -25.39
C10 IMX C . -8.80 5.21 -25.27
F11 IMX C . -10.07 7.99 -21.60
C12 IMX C . -8.43 3.11 -26.55
O13 IMX C . -8.30 3.71 -27.58
N14 IMX C . -8.11 1.77 -26.42
C15 IMX C . -8.59 0.71 -28.66
C16 IMX C . -8.22 -0.65 -29.11
C17 IMX C . -7.42 -1.30 -28.21
C18 IMX C . -7.13 -0.43 -27.02
C19 IMX C . -8.61 -1.28 -30.29
C20 IMX C . -8.17 -2.57 -30.54
C21 IMX C . -7.35 -3.23 -29.63
C22 IMX C . -6.98 -2.60 -28.45
C23 IMX C . -5.64 -0.40 -26.65
C24 IMX C . -5.35 0.08 -25.26
O26 IMX C . -4.19 0.18 -24.92
O25 IMX C . -6.35 0.41 -24.40
C1 IMX D . -21.09 3.06 -16.27
C2 IMX D . -19.39 -1.74 -19.32
C3 IMX D . -19.97 -2.51 -18.33
C4 IMX D . -18.61 -2.26 -20.32
C5 IMX D . -19.76 -3.88 -18.31
C6 IMX D . -18.39 -3.63 -20.32
C7 IMX D . -18.97 -4.43 -19.32
N8 IMX D . -20.68 -1.70 -17.51
C9 IMX D . -20.57 -0.42 -17.95
C10 IMX D . -19.78 -0.46 -19.07
F11 IMX D . -17.62 -4.17 -21.28
C12 IMX D . -21.18 0.79 -17.38
O13 IMX D . -22.38 0.82 -17.38
N14 IMX D . -20.47 1.85 -16.85
C15 IMX D . -22.26 3.64 -17.12
C16 IMX D . -21.60 4.71 -17.91
C17 IMX D . -20.42 5.06 -17.36
C18 IMX D . -20.11 4.26 -16.13
C19 IMX D . -22.09 5.31 -19.06
C20 IMX D . -21.32 6.30 -19.65
C21 IMX D . -20.10 6.66 -19.10
C22 IMX D . -19.64 6.04 -17.94
C23 IMX D . -20.29 5.02 -14.80
C24 IMX D . -21.06 6.33 -14.95
O26 IMX D . -22.25 6.30 -15.09
O25 IMX D . -20.40 7.52 -14.92
C1 IMX E . -4.72 -1.22 23.82
C2 IMX E . -4.51 -5.46 19.57
C3 IMX E . -4.37 -4.22 18.99
C4 IMX E . -4.34 -6.62 18.87
C5 IMX E . -4.06 -4.10 17.65
C6 IMX E . -4.02 -6.52 17.53
C7 IMX E . -3.88 -5.27 16.92
N8 IMX E . -4.60 -3.27 19.91
C9 IMX E . -4.87 -3.88 21.08
C10 IMX E . -4.82 -5.24 20.88
F11 IMX E . -3.86 -7.60 16.80
C12 IMX E . -5.16 -3.18 22.33
O13 IMX E . -5.97 -3.66 23.09
N14 IMX E . -4.51 -2.00 22.59
C15 IMX E . -6.23 -0.94 24.07
C16 IMX E . -6.20 0.38 24.74
C17 IMX E . -5.00 1.01 24.59
C18 IMX E . -4.06 0.18 23.77
C19 IMX E . -7.24 0.95 25.46
C20 IMX E . -7.03 2.21 26.01
C21 IMX E . -5.82 2.87 25.85
C22 IMX E . -4.78 2.27 25.13
C23 IMX E . -2.61 0.12 24.28
C24 IMX E . -1.62 -0.32 23.23
O26 IMX E . -0.43 -0.16 23.39
O25 IMX E . -2.03 -0.89 22.07
C1 IMX F . -10.11 -2.37 7.40
C2 IMX F . -9.90 2.41 10.77
C3 IMX F . -10.46 3.19 9.79
C4 IMX F . -9.55 2.92 11.99
C5 IMX F . -10.67 4.54 10.02
C6 IMX F . -9.75 4.27 12.24
C7 IMX F . -10.31 5.08 11.25
N8 IMX F . -10.69 2.41 8.72
C9 IMX F . -10.29 1.14 8.98
C10 IMX F . -9.81 1.14 10.27
F11 IMX F . -9.41 4.77 13.42
C12 IMX F . -10.41 -0.01 8.08
O13 IMX F . -11.04 0.16 7.06
N14 IMX F . -9.89 -1.27 8.36
C15 IMX F . -11.60 -2.76 7.24
C16 IMX F . -11.76 -4.00 8.05
C17 IMX F . -10.54 -4.55 8.33
C18 IMX F . -9.43 -3.72 7.74
C19 IMX F . -12.95 -4.58 8.50
C20 IMX F . -12.88 -5.74 9.24
C21 IMX F . -11.63 -6.31 9.53
C22 IMX F . -10.47 -5.71 9.08
C23 IMX F . -8.89 -4.28 6.42
C24 IMX F . -8.37 -5.67 6.54
O26 IMX F . -9.13 -6.59 6.31
O25 IMX F . -7.07 -5.88 6.89
#